data_1W0O
#
_entry.id   1W0O
#
_cell.length_a   70.310
_cell.length_b   74.910
_cell.length_c   151.615
_cell.angle_alpha   90.00
_cell.angle_beta   90.00
_cell.angle_gamma   90.00
#
_symmetry.space_group_name_H-M   'P 21 21 21'
#
loop_
_entity.id
_entity.type
_entity.pdbx_description
1 polymer SIALIDASE
2 non-polymer '2-DEOXY-2,3-DEHYDRO-N-ACETYL-NEURAMINIC ACID'
3 non-polymer 'CALCIUM ION'
4 non-polymer 'N-acetyl-alpha-neuraminic acid'
5 water water
#
_entity_poly.entity_id   1
_entity_poly.type   'polypeptide(L)'
_entity_poly.pdbx_seq_one_letter_code
;MRFKNVKKTALMLAMFGMATSSNAALFDYNATGDTEFDSPAKQGWMQDNTNNGSGVLTNADGMPAWLVQGIGGRAQWTYS
LSTNQHAQASSFGWRMTTEMKVLSGGMITNYYANGTQRVLPIISLDSSGNLVVEFEGQTGRTVLATGTAATEYHKFELVF
LPGSNPSASFYFDGKLIRDNIQPTASKQNMIVWGNGSSNTDGVAAYRDIKFEIQGDVIFRGPDRIPSIVASSVTPGVVTA
FAEKRVGGGDPGALSNTNDIITRTSRDGGITWDTELNLTEQINVSDEFDFSDPRPIYDPSSNTVLVSYARWPTDAAQNGD
RIKPWMPNGIFYSVYDVASGNWQAPIDVTDQVKERSFQIAGWGGSELYRRNTSLNSQQDWQSNAKIRIVDGAANQIQVAD
GSRKYVVTLSIDESGGLVANLNGVSAPIILQSEHAKVHSFHDYELQYSALNHTTTLFVDGQQITTWAGEVSQENNIQFGN
ADAQIDGRLHVQKIVLTQQGHNLVEFDAFYLAQQTPEVEKDLEKLGWTKIKTGNTMSLYGNASVNPGPGHGITLTRQQNI
SGSQNGRLIYPAIVLDRFFLNVMSIYSDDGGSNWQTGSTLPIPFRWKSSSILETLEPSEADMVELQNGDLLLTARLDFNQ
IVNGVNYSPRQQFLSKDGGITWSLLEANNANVFSNISTGTVDASITRFEQSDGSHFLLFTNPQGNPAGTNGRQNLGLWFS
FDEGVTWKGPIQLVNGASAYSDIYQLDSENAIVIVETDNSNMRILRMPITLLKQKLTLSQN
;
_entity_poly.pdbx_strand_id   A
#
loop_
_chem_comp.id
_chem_comp.type
_chem_comp.name
_chem_comp.formula
CA non-polymer 'CALCIUM ION' 'Ca 2'
DAN D-saccharide '2-DEOXY-2,3-DEHYDRO-N-ACETYL-NEURAMINIC ACID' 'C11 H17 N O8'
SIA D-saccharide, alpha linking 'N-acetyl-alpha-neuraminic acid' 'C11 H19 N O9'
#
# COMPACT_ATOMS: atom_id res chain seq x y z
N ALA A 25 0.38 -18.47 -16.91
CA ALA A 25 1.30 -19.13 -17.87
C ALA A 25 1.03 -18.61 -19.27
N LEU A 26 2.09 -18.50 -20.08
CA LEU A 26 1.97 -18.00 -21.44
C LEU A 26 2.26 -19.08 -22.48
N PHE A 27 1.43 -19.14 -23.51
CA PHE A 27 1.58 -20.08 -24.61
C PHE A 27 1.60 -19.17 -25.82
N ASP A 28 2.74 -19.09 -26.50
CA ASP A 28 2.83 -18.15 -27.60
C ASP A 28 3.65 -18.54 -28.82
N TYR A 29 3.57 -17.66 -29.82
CA TYR A 29 4.32 -17.79 -31.06
C TYR A 29 4.71 -16.39 -31.50
N ASN A 30 6.00 -16.20 -31.74
CA ASN A 30 6.52 -14.92 -32.20
C ASN A 30 7.24 -15.22 -33.51
N ALA A 31 6.74 -14.64 -34.59
CA ALA A 31 7.30 -14.87 -35.91
C ALA A 31 8.74 -14.38 -36.01
N THR A 32 9.62 -15.25 -36.47
CA THR A 32 11.03 -14.90 -36.62
C THR A 32 11.70 -15.77 -37.66
N GLY A 33 12.79 -15.27 -38.23
CA GLY A 33 13.52 -16.02 -39.21
C GLY A 33 14.62 -16.84 -38.56
N ASP A 34 14.89 -16.59 -37.29
CA ASP A 34 15.91 -17.34 -36.57
C ASP A 34 15.64 -18.84 -36.69
N THR A 35 16.57 -19.53 -37.33
CA THR A 35 16.47 -20.97 -37.57
C THR A 35 15.90 -21.80 -36.43
N GLU A 36 16.46 -21.64 -35.24
CA GLU A 36 16.03 -22.40 -34.07
C GLU A 36 14.53 -22.27 -33.79
N PHE A 37 13.93 -21.16 -34.20
CA PHE A 37 12.51 -20.93 -33.95
C PHE A 37 11.76 -20.41 -35.18
N ASP A 38 12.21 -20.80 -36.37
CA ASP A 38 11.60 -20.32 -37.61
C ASP A 38 10.25 -20.91 -38.01
N SER A 39 9.55 -21.51 -37.06
CA SER A 39 8.23 -22.09 -37.34
C SER A 39 7.46 -22.30 -36.04
N PRO A 40 6.12 -22.27 -36.10
CA PRO A 40 5.34 -22.49 -34.88
C PRO A 40 5.67 -23.84 -34.26
N ALA A 41 6.07 -24.80 -35.09
CA ALA A 41 6.39 -26.15 -34.64
C ALA A 41 7.62 -26.16 -33.74
N LYS A 42 8.50 -25.17 -33.90
CA LYS A 42 9.72 -25.08 -33.10
C LYS A 42 9.48 -24.21 -31.88
N GLN A 43 8.26 -23.73 -31.72
CA GLN A 43 7.93 -22.88 -30.58
C GLN A 43 6.86 -23.51 -29.70
N GLY A 44 6.72 -24.83 -29.81
CA GLY A 44 5.75 -25.54 -28.99
C GLY A 44 4.40 -25.88 -29.59
N TRP A 45 4.11 -25.39 -30.80
CA TRP A 45 2.81 -25.66 -31.41
C TRP A 45 2.79 -26.91 -32.29
N MET A 46 1.63 -27.54 -32.37
CA MET A 46 1.44 -28.74 -33.17
C MET A 46 0.67 -28.43 -34.45
N GLN A 47 1.21 -28.90 -35.58
CA GLN A 47 0.56 -28.69 -36.88
C GLN A 47 -0.71 -29.52 -36.96
N ASP A 48 -1.79 -28.91 -37.44
CA ASP A 48 -3.06 -29.61 -37.57
C ASP A 48 -3.79 -29.23 -38.85
N ASN A 49 -3.26 -29.68 -39.97
CA ASN A 49 -3.88 -29.37 -41.26
C ASN A 49 -4.56 -30.58 -41.86
N THR A 50 -5.28 -30.35 -42.95
CA THR A 50 -5.96 -31.42 -43.67
C THR A 50 -5.80 -31.09 -45.15
N ASN A 51 -5.84 -32.13 -45.99
CA ASN A 51 -5.71 -31.96 -47.42
C ASN A 51 -4.58 -31.02 -47.84
N ASN A 52 -4.92 -30.00 -48.62
CA ASN A 52 -3.96 -29.03 -49.13
C ASN A 52 -3.51 -27.94 -48.15
N GLY A 53 -4.00 -27.98 -46.92
CA GLY A 53 -3.63 -26.99 -45.94
C GLY A 53 -2.13 -26.94 -45.68
N SER A 54 -1.58 -25.73 -45.56
CA SER A 54 -0.15 -25.59 -45.32
C SER A 54 0.21 -24.26 -44.69
N GLY A 55 1.50 -23.93 -44.75
CA GLY A 55 1.98 -22.69 -44.19
C GLY A 55 3.45 -22.47 -44.50
N VAL A 56 3.88 -21.22 -44.40
CA VAL A 56 5.27 -20.89 -44.66
C VAL A 56 5.59 -19.53 -44.05
N LEU A 57 6.86 -19.34 -43.68
CA LEU A 57 7.27 -18.06 -43.10
C LEU A 57 7.32 -17.06 -44.25
N THR A 58 6.79 -15.86 -44.03
CA THR A 58 6.79 -14.85 -45.08
C THR A 58 7.49 -13.58 -44.58
N ASN A 59 8.21 -12.90 -45.48
CA ASN A 59 8.93 -11.67 -45.12
C ASN A 59 8.51 -10.46 -45.93
N ALA A 60 7.62 -10.67 -46.90
CA ALA A 60 7.14 -9.61 -47.77
C ALA A 60 6.66 -8.36 -47.02
N ASP A 61 6.42 -8.48 -45.73
CA ASP A 61 5.94 -7.34 -44.94
C ASP A 61 7.03 -6.62 -44.13
N GLY A 62 8.30 -6.88 -44.46
CA GLY A 62 9.39 -6.25 -43.74
C GLY A 62 9.75 -7.02 -42.48
N MET A 63 8.73 -7.37 -41.71
CA MET A 63 8.92 -8.14 -40.49
C MET A 63 8.39 -9.54 -40.77
N PRO A 64 9.12 -10.59 -40.33
CA PRO A 64 8.65 -11.95 -40.58
C PRO A 64 7.28 -12.25 -39.98
N ALA A 65 6.57 -13.20 -40.58
CA ALA A 65 5.25 -13.59 -40.11
C ALA A 65 4.96 -14.97 -40.66
N TRP A 66 4.13 -15.74 -39.95
CA TRP A 66 3.80 -17.07 -40.44
C TRP A 66 2.53 -16.99 -41.25
N LEU A 67 2.62 -17.39 -42.52
CA LEU A 67 1.47 -17.37 -43.42
C LEU A 67 0.70 -18.68 -43.38
N VAL A 68 -0.52 -18.62 -42.86
CA VAL A 68 -1.39 -19.78 -42.78
C VAL A 68 -2.09 -19.89 -44.14
N GLN A 69 -1.86 -21.00 -44.83
CA GLN A 69 -2.44 -21.20 -46.14
C GLN A 69 -3.53 -22.27 -46.11
N GLY A 70 -4.76 -21.86 -45.81
CA GLY A 70 -5.86 -22.79 -45.74
C GLY A 70 -6.70 -22.87 -47.01
N ILE A 71 -6.03 -23.03 -48.14
CA ILE A 71 -6.71 -23.15 -49.41
C ILE A 71 -6.84 -24.63 -49.75
N GLY A 72 -8.08 -25.09 -49.91
CA GLY A 72 -8.30 -26.49 -50.22
C GLY A 72 -7.98 -27.38 -49.03
N GLY A 73 -8.24 -26.88 -47.82
CA GLY A 73 -7.96 -27.66 -46.63
C GLY A 73 -7.81 -26.82 -45.37
N ARG A 74 -7.82 -27.48 -44.22
CA ARG A 74 -7.66 -26.80 -42.94
C ARG A 74 -6.18 -26.55 -42.69
N ALA A 75 -5.86 -25.38 -42.13
CA ALA A 75 -4.48 -25.05 -41.82
C ALA A 75 -4.51 -24.32 -40.48
N GLN A 76 -4.10 -25.01 -39.43
CA GLN A 76 -4.10 -24.41 -38.11
C GLN A 76 -3.02 -25.01 -37.21
N TRP A 77 -2.78 -24.33 -36.09
CA TRP A 77 -1.80 -24.76 -35.10
C TRP A 77 -2.53 -24.92 -33.78
N THR A 78 -2.17 -25.95 -33.03
CA THR A 78 -2.84 -26.19 -31.75
C THR A 78 -1.91 -26.38 -30.57
N TYR A 79 -2.47 -26.22 -29.38
CA TYR A 79 -1.73 -26.37 -28.14
C TYR A 79 -2.67 -27.05 -27.15
N SER A 80 -2.19 -28.12 -26.52
CA SER A 80 -2.99 -28.86 -25.55
C SER A 80 -2.72 -28.40 -24.13
N LEU A 81 -3.77 -28.43 -23.30
CA LEU A 81 -3.66 -28.02 -21.92
C LEU A 81 -4.08 -29.17 -21.00
N SER A 82 -3.68 -29.11 -19.75
CA SER A 82 -4.02 -30.14 -18.78
C SER A 82 -5.30 -29.75 -18.02
N THR A 83 -5.84 -30.71 -17.28
CA THR A 83 -7.05 -30.49 -16.52
C THR A 83 -6.85 -29.33 -15.54
N ASN A 84 -5.69 -29.29 -14.91
CA ASN A 84 -5.37 -28.25 -13.95
C ASN A 84 -5.29 -26.88 -14.59
N GLN A 85 -4.78 -26.83 -15.82
CA GLN A 85 -4.65 -25.56 -16.54
C GLN A 85 -6.03 -25.00 -16.93
N HIS A 86 -6.91 -25.88 -17.40
CA HIS A 86 -8.26 -25.43 -17.78
C HIS A 86 -8.99 -24.90 -16.55
N ALA A 87 -8.81 -25.58 -15.41
CA ALA A 87 -9.47 -25.16 -14.19
C ALA A 87 -8.97 -23.79 -13.76
N GLN A 88 -7.67 -23.57 -13.93
CA GLN A 88 -7.08 -22.29 -13.56
C GLN A 88 -7.66 -21.20 -14.44
N ALA A 89 -7.77 -21.49 -15.74
CA ALA A 89 -8.31 -20.53 -16.69
C ALA A 89 -9.74 -20.14 -16.34
N SER A 90 -10.54 -21.11 -15.92
CA SER A 90 -11.94 -20.86 -15.58
C SER A 90 -12.12 -20.03 -14.31
N SER A 91 -11.25 -20.26 -13.33
CA SER A 91 -11.35 -19.55 -12.06
C SER A 91 -10.65 -18.19 -12.01
N PHE A 92 -9.61 -18.01 -12.82
CA PHE A 92 -8.87 -16.75 -12.81
C PHE A 92 -8.89 -16.00 -14.13
N GLY A 93 -9.47 -16.62 -15.16
CA GLY A 93 -9.55 -15.96 -16.46
C GLY A 93 -8.39 -16.23 -17.40
N TRP A 94 -8.50 -15.69 -18.60
CA TRP A 94 -7.45 -15.85 -19.60
C TRP A 94 -7.62 -14.77 -20.65
N ARG A 95 -6.65 -14.65 -21.54
CA ARG A 95 -6.72 -13.67 -22.59
C ARG A 95 -5.91 -14.11 -23.78
N MET A 96 -6.42 -13.84 -24.98
CA MET A 96 -5.73 -14.21 -26.19
C MET A 96 -5.49 -12.97 -27.04
N THR A 97 -4.25 -12.77 -27.43
CA THR A 97 -3.86 -11.61 -28.22
C THR A 97 -3.25 -12.07 -29.53
N THR A 98 -3.74 -11.51 -30.64
CA THR A 98 -3.24 -11.88 -31.95
C THR A 98 -2.92 -10.66 -32.81
N GLU A 99 -1.79 -10.72 -33.49
CA GLU A 99 -1.38 -9.66 -34.41
C GLU A 99 -1.33 -10.37 -35.74
N MET A 100 -2.29 -10.07 -36.62
CA MET A 100 -2.36 -10.71 -37.91
C MET A 100 -3.05 -9.85 -38.94
N LYS A 101 -2.95 -10.28 -40.19
CA LYS A 101 -3.61 -9.60 -41.29
C LYS A 101 -4.24 -10.70 -42.11
N VAL A 102 -5.49 -10.48 -42.53
CA VAL A 102 -6.19 -11.47 -43.33
C VAL A 102 -5.98 -11.14 -44.80
N LEU A 103 -5.48 -12.11 -45.56
CA LEU A 103 -5.24 -11.90 -46.98
C LEU A 103 -6.48 -12.21 -47.82
N SER A 104 -7.17 -13.29 -47.48
CA SER A 104 -8.37 -13.67 -48.21
C SER A 104 -9.18 -14.76 -47.49
N GLY A 105 -10.40 -14.97 -47.97
CA GLY A 105 -11.26 -16.00 -47.42
C GLY A 105 -11.87 -15.73 -46.06
N GLY A 106 -12.17 -16.82 -45.37
CA GLY A 106 -12.77 -16.70 -44.04
C GLY A 106 -12.40 -17.84 -43.11
N MET A 107 -13.22 -18.00 -42.07
CA MET A 107 -12.98 -19.00 -41.05
C MET A 107 -11.59 -18.90 -40.45
N ILE A 108 -11.16 -17.67 -40.18
CA ILE A 108 -9.87 -17.43 -39.54
C ILE A 108 -10.27 -17.52 -38.07
N THR A 109 -9.96 -18.66 -37.47
CA THR A 109 -10.35 -18.93 -36.10
C THR A 109 -9.25 -19.03 -35.05
N ASN A 110 -9.14 -18.00 -34.22
CA ASN A 110 -8.15 -17.96 -33.15
C ASN A 110 -8.96 -18.01 -31.87
N TYR A 111 -8.91 -19.15 -31.18
CA TYR A 111 -9.72 -19.32 -29.98
C TYR A 111 -9.18 -20.38 -29.03
N TYR A 112 -9.93 -20.59 -27.95
CA TYR A 112 -9.58 -21.55 -26.92
C TYR A 112 -10.81 -22.38 -26.52
N ALA A 113 -10.67 -23.70 -26.58
CA ALA A 113 -11.76 -24.61 -26.21
C ALA A 113 -11.28 -25.43 -25.01
N ASN A 114 -12.11 -25.56 -23.98
CA ASN A 114 -11.70 -26.28 -22.78
C ASN A 114 -12.30 -27.67 -22.58
N GLY A 115 -12.88 -28.24 -23.62
CA GLY A 115 -13.48 -29.57 -23.50
C GLY A 115 -14.97 -29.54 -23.27
N THR A 116 -15.47 -28.44 -22.73
CA THR A 116 -16.89 -28.27 -22.46
C THR A 116 -17.48 -27.04 -23.16
N GLN A 117 -16.65 -26.01 -23.34
CA GLN A 117 -17.12 -24.80 -23.99
C GLN A 117 -15.98 -24.03 -24.65
N ARG A 118 -16.35 -22.98 -25.37
CA ARG A 118 -15.38 -22.14 -26.07
C ARG A 118 -16.02 -20.81 -26.46
N VAL A 119 -15.18 -19.80 -26.63
CA VAL A 119 -15.64 -18.49 -27.08
C VAL A 119 -15.00 -18.44 -28.47
N LEU A 120 -15.83 -18.46 -29.50
CA LEU A 120 -15.30 -18.48 -30.85
C LEU A 120 -15.56 -17.30 -31.76
N PRO A 121 -14.54 -16.46 -31.96
CA PRO A 121 -14.68 -15.30 -32.84
C PRO A 121 -14.30 -15.81 -34.23
N ILE A 122 -15.11 -15.52 -35.24
CA ILE A 122 -14.81 -15.98 -36.58
C ILE A 122 -14.53 -14.76 -37.43
N ILE A 123 -13.28 -14.62 -37.86
CA ILE A 123 -12.86 -13.48 -38.65
C ILE A 123 -12.80 -13.83 -40.13
N SER A 124 -13.20 -12.89 -40.98
CA SER A 124 -13.18 -13.12 -42.42
C SER A 124 -13.31 -11.83 -43.20
N LEU A 125 -13.14 -11.93 -44.51
CA LEU A 125 -13.32 -10.80 -45.42
C LEU A 125 -14.62 -11.15 -46.12
N ASP A 126 -15.54 -10.20 -46.23
CA ASP A 126 -16.80 -10.52 -46.91
C ASP A 126 -16.61 -10.43 -48.43
N SER A 127 -17.68 -10.67 -49.19
CA SER A 127 -17.60 -10.65 -50.64
C SER A 127 -17.18 -9.29 -51.19
N SER A 128 -17.19 -8.26 -50.34
CA SER A 128 -16.79 -6.94 -50.79
C SER A 128 -15.36 -6.63 -50.34
N GLY A 129 -14.78 -7.54 -49.55
CA GLY A 129 -13.42 -7.34 -49.09
C GLY A 129 -13.27 -6.71 -47.72
N ASN A 130 -14.38 -6.40 -47.06
CA ASN A 130 -14.32 -5.80 -45.73
C ASN A 130 -13.93 -6.85 -44.70
N LEU A 131 -13.19 -6.43 -43.67
CA LEU A 131 -12.78 -7.33 -42.61
C LEU A 131 -13.93 -7.33 -41.62
N VAL A 132 -14.43 -8.52 -41.30
CA VAL A 132 -15.55 -8.60 -40.37
C VAL A 132 -15.37 -9.70 -39.35
N VAL A 133 -16.20 -9.67 -38.32
CA VAL A 133 -16.15 -10.68 -37.28
C VAL A 133 -17.53 -11.09 -36.84
N GLU A 134 -17.67 -12.39 -36.57
CA GLU A 134 -18.92 -12.97 -36.09
C GLU A 134 -18.54 -13.76 -34.86
N PHE A 135 -19.51 -14.11 -34.03
CA PHE A 135 -19.24 -14.90 -32.83
C PHE A 135 -20.23 -16.05 -32.72
N GLU A 136 -19.72 -17.27 -32.52
CA GLU A 136 -20.60 -18.41 -32.38
C GLU A 136 -21.52 -18.10 -31.20
N GLY A 137 -22.79 -18.48 -31.32
CA GLY A 137 -23.72 -18.20 -30.24
C GLY A 137 -24.31 -16.80 -30.39
N GLN A 138 -23.84 -16.08 -31.41
CA GLN A 138 -24.33 -14.73 -31.67
C GLN A 138 -24.72 -14.59 -33.13
N THR A 139 -25.81 -13.88 -33.36
CA THR A 139 -26.31 -13.66 -34.71
C THR A 139 -25.81 -12.31 -35.25
N GLY A 140 -25.55 -12.25 -36.54
CA GLY A 140 -25.09 -11.03 -37.15
C GLY A 140 -23.60 -10.96 -37.40
N ARG A 141 -23.10 -9.76 -37.67
CA ARG A 141 -21.69 -9.55 -37.92
C ARG A 141 -21.33 -8.10 -37.59
N THR A 142 -20.04 -7.85 -37.41
CA THR A 142 -19.56 -6.51 -37.13
C THR A 142 -18.40 -6.22 -38.06
N VAL A 143 -18.53 -5.16 -38.85
CA VAL A 143 -17.49 -4.76 -39.78
C VAL A 143 -16.40 -4.08 -38.95
N LEU A 144 -15.17 -4.59 -39.05
CA LEU A 144 -14.05 -4.04 -38.30
C LEU A 144 -13.26 -3.02 -39.11
N ALA A 145 -13.12 -3.26 -40.42
CA ALA A 145 -12.38 -2.35 -41.28
C ALA A 145 -12.77 -2.51 -42.74
N THR A 146 -12.54 -1.47 -43.52
CA THR A 146 -12.86 -1.48 -44.94
C THR A 146 -11.68 -0.88 -45.71
N GLY A 147 -11.72 -0.97 -47.03
CA GLY A 147 -10.64 -0.41 -47.83
C GLY A 147 -9.32 -1.14 -47.64
N THR A 148 -8.21 -0.44 -47.85
CA THR A 148 -6.89 -1.05 -47.68
C THR A 148 -6.67 -1.53 -46.25
N ALA A 149 -7.35 -0.90 -45.30
CA ALA A 149 -7.22 -1.28 -43.90
C ALA A 149 -7.69 -2.71 -43.66
N ALA A 150 -8.66 -3.16 -44.46
CA ALA A 150 -9.20 -4.50 -44.32
C ALA A 150 -8.14 -5.60 -44.43
N THR A 151 -7.10 -5.37 -45.21
CA THR A 151 -6.06 -6.38 -45.38
C THR A 151 -4.70 -6.01 -44.79
N GLU A 152 -4.71 -5.17 -43.76
CA GLU A 152 -3.47 -4.78 -43.08
C GLU A 152 -3.43 -5.45 -41.71
N TYR A 153 -2.27 -5.39 -41.06
CA TYR A 153 -2.12 -6.00 -39.75
C TYR A 153 -2.94 -5.28 -38.67
N HIS A 154 -3.51 -6.06 -37.75
CA HIS A 154 -4.28 -5.51 -36.65
C HIS A 154 -4.05 -6.34 -35.41
N LYS A 155 -4.39 -5.75 -34.26
CA LYS A 155 -4.23 -6.44 -32.99
C LYS A 155 -5.61 -6.81 -32.49
N PHE A 156 -5.82 -8.10 -32.26
CA PHE A 156 -7.09 -8.62 -31.77
C PHE A 156 -6.91 -9.15 -30.36
N GLU A 157 -7.81 -8.76 -29.46
CA GLU A 157 -7.73 -9.24 -28.08
C GLU A 157 -9.04 -9.83 -27.58
N LEU A 158 -8.92 -10.99 -26.94
CA LEU A 158 -10.07 -11.68 -26.38
C LEU A 158 -9.79 -11.85 -24.89
N VAL A 159 -10.62 -11.22 -24.06
CA VAL A 159 -10.43 -11.30 -22.61
C VAL A 159 -11.60 -11.97 -21.90
N PHE A 160 -11.30 -13.01 -21.14
CA PHE A 160 -12.29 -13.76 -20.40
C PHE A 160 -12.18 -13.48 -18.90
N LEU A 161 -13.27 -13.01 -18.30
CA LEU A 161 -13.30 -12.72 -16.88
C LEU A 161 -14.12 -13.79 -16.16
N PRO A 162 -13.58 -14.33 -15.05
CA PRO A 162 -14.25 -15.37 -14.26
C PRO A 162 -15.46 -14.85 -13.48
N GLY A 163 -16.29 -15.78 -13.02
CA GLY A 163 -17.47 -15.42 -12.27
C GLY A 163 -18.57 -16.46 -12.43
N SER A 164 -19.67 -16.30 -11.72
CA SER A 164 -20.78 -17.24 -11.81
C SER A 164 -21.35 -17.20 -13.22
N ASN A 165 -21.31 -16.03 -13.83
CA ASN A 165 -21.80 -15.83 -15.19
C ASN A 165 -20.66 -15.21 -16.00
N PRO A 166 -19.57 -15.96 -16.20
CA PRO A 166 -18.39 -15.52 -16.95
C PRO A 166 -18.66 -15.21 -18.42
N SER A 167 -17.99 -14.18 -18.91
CA SER A 167 -18.15 -13.76 -20.30
C SER A 167 -16.82 -13.28 -20.86
N ALA A 168 -16.79 -13.05 -22.17
CA ALA A 168 -15.58 -12.57 -22.81
C ALA A 168 -15.86 -11.30 -23.60
N SER A 169 -14.82 -10.47 -23.76
CA SER A 169 -14.94 -9.24 -24.53
C SER A 169 -13.91 -9.28 -25.64
N PHE A 170 -14.28 -8.75 -26.80
CA PHE A 170 -13.42 -8.74 -27.98
C PHE A 170 -13.02 -7.31 -28.30
N TYR A 171 -11.72 -7.09 -28.51
CA TYR A 171 -11.19 -5.76 -28.82
C TYR A 171 -10.43 -5.77 -30.14
N PHE A 172 -10.61 -4.71 -30.92
CA PHE A 172 -9.95 -4.57 -32.21
C PHE A 172 -9.07 -3.33 -32.14
N ASP A 173 -7.77 -3.51 -32.22
CA ASP A 173 -6.82 -2.41 -32.13
C ASP A 173 -7.08 -1.57 -30.88
N GLY A 174 -7.32 -2.25 -29.78
CA GLY A 174 -7.56 -1.59 -28.50
C GLY A 174 -8.97 -1.08 -28.23
N LYS A 175 -9.86 -1.19 -29.21
CA LYS A 175 -11.23 -0.72 -29.03
C LYS A 175 -12.23 -1.84 -28.80
N LEU A 176 -13.07 -1.68 -27.78
CA LEU A 176 -14.09 -2.68 -27.44
C LEU A 176 -15.08 -2.83 -28.59
N ILE A 177 -15.20 -4.05 -29.10
CA ILE A 177 -16.11 -4.34 -30.21
C ILE A 177 -17.35 -5.09 -29.72
N ARG A 178 -17.11 -6.16 -28.96
CA ARG A 178 -18.20 -6.97 -28.45
C ARG A 178 -17.93 -7.34 -27.00
N ASP A 179 -18.92 -7.08 -26.14
CA ASP A 179 -18.79 -7.39 -24.73
C ASP A 179 -19.79 -8.46 -24.33
N ASN A 180 -19.60 -9.04 -23.14
CA ASN A 180 -20.50 -10.07 -22.62
C ASN A 180 -20.74 -11.23 -23.59
N ILE A 181 -19.67 -11.69 -24.25
CA ILE A 181 -19.80 -12.80 -25.18
C ILE A 181 -19.94 -14.09 -24.37
N GLN A 182 -21.08 -14.74 -24.53
CA GLN A 182 -21.36 -15.99 -23.81
C GLN A 182 -20.64 -17.17 -24.42
N PRO A 183 -20.03 -18.02 -23.58
CA PRO A 183 -19.32 -19.19 -24.09
C PRO A 183 -20.35 -20.15 -24.70
N THR A 184 -19.94 -20.86 -25.75
CA THR A 184 -20.82 -21.80 -26.41
C THR A 184 -20.34 -23.23 -26.21
N ALA A 185 -21.26 -24.19 -26.27
CA ALA A 185 -20.91 -25.60 -26.08
C ALA A 185 -19.97 -26.12 -27.15
N SER A 186 -19.01 -26.94 -26.73
CA SER A 186 -18.03 -27.53 -27.64
C SER A 186 -17.24 -28.62 -26.94
N LYS A 187 -16.85 -29.64 -27.70
CA LYS A 187 -16.09 -30.76 -27.15
C LYS A 187 -14.61 -30.61 -27.44
N GLN A 188 -14.25 -29.61 -28.25
CA GLN A 188 -12.85 -29.38 -28.57
C GLN A 188 -12.11 -29.03 -27.29
N ASN A 189 -10.82 -29.37 -27.25
CA ASN A 189 -9.98 -29.11 -26.09
C ASN A 189 -8.60 -28.71 -26.59
N MET A 190 -8.39 -27.41 -26.79
CA MET A 190 -7.13 -26.91 -27.30
C MET A 190 -7.14 -25.41 -27.59
N ILE A 191 -5.95 -24.83 -27.63
CA ILE A 191 -5.77 -23.42 -27.97
C ILE A 191 -5.51 -23.52 -29.47
N VAL A 192 -6.22 -22.73 -30.27
CA VAL A 192 -6.06 -22.82 -31.72
C VAL A 192 -5.94 -21.49 -32.46
N TRP A 193 -5.18 -21.49 -33.55
CA TRP A 193 -5.06 -20.31 -34.40
C TRP A 193 -4.81 -20.73 -35.84
N GLY A 194 -5.42 -19.99 -36.77
CA GLY A 194 -5.27 -20.27 -38.19
C GLY A 194 -6.62 -20.31 -38.88
N ASN A 195 -6.70 -21.07 -39.96
CA ASN A 195 -7.95 -21.21 -40.71
C ASN A 195 -8.55 -22.56 -40.32
N GLY A 196 -9.52 -22.52 -39.41
CA GLY A 196 -10.13 -23.74 -38.92
C GLY A 196 -11.28 -24.33 -39.73
N SER A 197 -11.06 -24.55 -41.01
CA SER A 197 -12.09 -25.12 -41.87
C SER A 197 -11.50 -25.85 -43.08
N SER A 198 -11.96 -27.07 -43.33
CA SER A 198 -11.47 -27.84 -44.47
C SER A 198 -12.13 -27.37 -45.76
N ASN A 199 -13.37 -26.89 -45.67
CA ASN A 199 -14.11 -26.45 -46.84
C ASN A 199 -14.00 -24.96 -47.16
N THR A 200 -13.94 -24.11 -46.14
CA THR A 200 -13.83 -22.68 -46.38
C THR A 200 -12.37 -22.27 -46.49
N ASP A 201 -11.98 -21.71 -47.63
CA ASP A 201 -10.60 -21.27 -47.82
C ASP A 201 -10.32 -20.03 -47.01
N GLY A 202 -9.14 -20.00 -46.39
CA GLY A 202 -8.76 -18.86 -45.58
C GLY A 202 -7.26 -18.71 -45.57
N VAL A 203 -6.79 -17.47 -45.70
CA VAL A 203 -5.35 -17.17 -45.70
C VAL A 203 -5.08 -15.95 -44.84
N ALA A 204 -4.18 -16.10 -43.86
CA ALA A 204 -3.83 -15.02 -42.95
C ALA A 204 -2.37 -15.13 -42.51
N ALA A 205 -1.73 -13.97 -42.29
CA ALA A 205 -0.34 -13.96 -41.85
C ALA A 205 -0.28 -13.52 -40.39
N TYR A 206 0.46 -14.29 -39.58
CA TYR A 206 0.56 -13.99 -38.16
C TYR A 206 1.95 -13.53 -37.71
N ARG A 207 1.97 -12.41 -37.00
CA ARG A 207 3.22 -11.90 -36.47
C ARG A 207 3.41 -12.41 -35.05
N ASP A 208 2.30 -12.55 -34.34
CA ASP A 208 2.38 -12.99 -32.96
C ASP A 208 1.07 -13.55 -32.42
N ILE A 209 1.18 -14.57 -31.58
CA ILE A 209 0.03 -15.21 -30.95
C ILE A 209 0.38 -15.38 -29.48
N LYS A 210 -0.52 -14.96 -28.60
CA LYS A 210 -0.30 -15.09 -27.16
C LYS A 210 -1.57 -15.45 -26.43
N PHE A 211 -1.57 -16.60 -25.77
CA PHE A 211 -2.71 -17.04 -24.97
C PHE A 211 -2.17 -17.15 -23.56
N GLU A 212 -2.74 -16.39 -22.64
CA GLU A 212 -2.25 -16.41 -21.27
C GLU A 212 -3.32 -16.85 -20.28
N ILE A 213 -2.96 -17.80 -19.42
CA ILE A 213 -3.85 -18.29 -18.38
C ILE A 213 -3.47 -17.52 -17.13
N GLN A 214 -4.43 -16.81 -16.56
CA GLN A 214 -4.19 -16.00 -15.37
C GLN A 214 -4.11 -16.87 -14.11
N GLY A 215 -3.64 -16.28 -13.02
CA GLY A 215 -3.59 -16.98 -11.75
C GLY A 215 -2.46 -17.91 -11.36
N ASP A 216 -1.31 -17.83 -12.00
CA ASP A 216 -0.20 -18.71 -11.61
C ASP A 216 0.14 -18.45 -10.15
N VAL A 217 0.42 -19.52 -9.40
CA VAL A 217 0.79 -19.37 -7.98
C VAL A 217 2.27 -19.00 -7.87
N ILE A 218 2.55 -17.92 -7.15
CA ILE A 218 3.91 -17.43 -6.96
C ILE A 218 4.47 -17.75 -5.56
N PHE A 219 3.59 -17.72 -4.56
CA PHE A 219 3.95 -18.04 -3.17
C PHE A 219 2.84 -18.95 -2.66
N ARG A 220 3.20 -19.99 -1.90
CA ARG A 220 2.20 -20.93 -1.39
C ARG A 220 1.85 -20.78 0.09
N GLY A 221 0.58 -20.97 0.42
CA GLY A 221 0.16 -20.90 1.80
C GLY A 221 0.92 -21.99 2.55
N PRO A 222 1.10 -21.89 3.87
CA PRO A 222 0.64 -20.83 4.76
C PRO A 222 1.36 -19.47 4.69
N ASP A 223 2.18 -19.26 3.66
CA ASP A 223 2.82 -17.96 3.53
C ASP A 223 1.67 -16.99 3.22
N ARG A 224 1.83 -15.71 3.57
CA ARG A 224 0.77 -14.73 3.35
C ARG A 224 1.28 -13.30 3.26
N ILE A 225 0.34 -12.37 3.10
CA ILE A 225 0.60 -10.93 3.06
C ILE A 225 1.47 -10.47 1.90
N PRO A 226 0.92 -10.48 0.68
CA PRO A 226 1.61 -10.08 -0.55
C PRO A 226 1.68 -8.60 -0.88
N SER A 227 2.75 -8.23 -1.58
CA SER A 227 2.96 -6.85 -2.03
C SER A 227 3.76 -6.95 -3.31
N ILE A 228 3.68 -5.93 -4.17
CA ILE A 228 4.39 -5.99 -5.44
C ILE A 228 4.63 -4.61 -6.06
N VAL A 229 5.75 -4.48 -6.77
CA VAL A 229 6.09 -3.25 -7.49
C VAL A 229 6.80 -3.64 -8.78
N ALA A 230 6.81 -2.72 -9.73
CA ALA A 230 7.46 -2.97 -11.01
C ALA A 230 8.32 -1.77 -11.38
N SER A 231 9.30 -2.01 -12.24
CA SER A 231 10.22 -0.97 -12.67
C SER A 231 9.76 -0.25 -13.92
N SER A 232 9.89 1.08 -13.92
CA SER A 232 9.50 1.88 -15.07
C SER A 232 10.75 2.11 -15.93
N VAL A 233 11.91 2.13 -15.29
CA VAL A 233 13.17 2.34 -16.00
C VAL A 233 13.57 1.08 -16.78
N THR A 234 13.26 -0.08 -16.21
CA THR A 234 13.56 -1.36 -16.84
C THR A 234 12.24 -2.13 -16.97
N PRO A 235 11.43 -1.77 -17.97
CA PRO A 235 10.13 -2.42 -18.22
C PRO A 235 10.24 -3.94 -18.16
N GLY A 236 9.30 -4.57 -17.46
CA GLY A 236 9.33 -6.03 -17.36
C GLY A 236 9.87 -6.57 -16.05
N VAL A 237 10.63 -5.77 -15.31
CA VAL A 237 11.17 -6.22 -14.04
C VAL A 237 10.13 -5.97 -12.96
N VAL A 238 9.73 -7.06 -12.30
CA VAL A 238 8.73 -7.00 -11.24
C VAL A 238 9.27 -7.71 -10.00
N THR A 239 9.09 -7.10 -8.84
CA THR A 239 9.55 -7.72 -7.59
C THR A 239 8.34 -7.92 -6.67
N ALA A 240 8.10 -9.17 -6.27
CA ALA A 240 6.99 -9.51 -5.39
C ALA A 240 7.51 -9.94 -4.02
N PHE A 241 6.67 -9.77 -2.99
CA PHE A 241 7.05 -10.12 -1.63
C PHE A 241 5.92 -10.79 -0.89
N ALA A 242 6.27 -11.45 0.21
CA ALA A 242 5.29 -12.12 1.06
C ALA A 242 5.99 -12.52 2.34
N GLU A 243 5.25 -13.05 3.29
CA GLU A 243 5.82 -13.48 4.56
C GLU A 243 5.97 -15.00 4.53
N LYS A 244 7.19 -15.49 4.71
CA LYS A 244 7.44 -16.93 4.77
C LYS A 244 7.04 -17.28 6.20
N ARG A 245 5.95 -18.02 6.34
CA ARG A 245 5.47 -18.39 7.66
C ARG A 245 5.66 -19.87 7.99
N VAL A 246 6.83 -20.21 8.51
CA VAL A 246 7.14 -21.59 8.88
C VAL A 246 6.34 -21.90 10.14
N GLY A 247 5.31 -22.74 10.00
CA GLY A 247 4.46 -23.07 11.13
C GLY A 247 3.13 -22.37 10.93
N GLY A 248 3.12 -21.41 10.00
CA GLY A 248 1.91 -20.66 9.68
C GLY A 248 1.47 -19.66 10.74
N GLY A 249 0.54 -18.79 10.36
CA GLY A 249 0.01 -17.81 11.30
C GLY A 249 0.70 -16.46 11.37
N ASP A 250 0.02 -15.52 12.04
CA ASP A 250 0.54 -14.17 12.20
C ASP A 250 1.78 -14.13 13.05
N PRO A 251 2.60 -13.08 12.91
CA PRO A 251 3.82 -12.98 13.70
C PRO A 251 3.49 -12.90 15.19
N GLY A 252 4.45 -13.31 16.03
CA GLY A 252 4.25 -13.27 17.47
C GLY A 252 3.94 -14.63 18.10
N ALA A 253 3.78 -15.65 17.26
CA ALA A 253 3.46 -16.98 17.77
C ALA A 253 4.70 -17.82 18.05
N LEU A 254 4.70 -18.53 19.17
CA LEU A 254 5.82 -19.39 19.53
C LEU A 254 5.95 -20.52 18.53
N SER A 255 4.83 -20.91 17.94
CA SER A 255 4.80 -22.01 16.97
C SER A 255 5.29 -21.67 15.57
N ASN A 256 5.65 -20.42 15.32
CA ASN A 256 6.14 -20.08 13.99
C ASN A 256 7.40 -19.22 13.98
N THR A 257 8.09 -19.25 12.84
CA THR A 257 9.27 -18.44 12.62
C THR A 257 9.00 -17.82 11.26
N ASN A 258 8.67 -16.53 11.24
CA ASN A 258 8.35 -15.86 9.98
C ASN A 258 9.48 -15.00 9.44
N ASP A 259 9.63 -15.00 8.11
CA ASP A 259 10.66 -14.21 7.45
C ASP A 259 10.07 -13.52 6.22
N ILE A 260 10.85 -12.65 5.60
CA ILE A 260 10.37 -11.97 4.40
C ILE A 260 10.97 -12.69 3.19
N ILE A 261 10.12 -13.03 2.22
CA ILE A 261 10.60 -13.70 1.01
C ILE A 261 10.24 -12.85 -0.20
N THR A 262 10.96 -13.05 -1.30
CA THR A 262 10.72 -12.29 -2.51
C THR A 262 11.10 -13.10 -3.74
N ARG A 263 10.52 -12.74 -4.88
CA ARG A 263 10.82 -13.38 -6.16
C ARG A 263 10.79 -12.25 -7.18
N THR A 264 11.65 -12.34 -8.18
CA THR A 264 11.71 -11.32 -9.22
C THR A 264 11.46 -11.90 -10.60
N SER A 265 10.80 -11.12 -11.44
CA SER A 265 10.51 -11.51 -12.82
C SER A 265 11.13 -10.43 -13.69
N ARG A 266 11.63 -10.82 -14.85
CA ARG A 266 12.21 -9.83 -15.75
C ARG A 266 11.50 -9.84 -17.10
N ASP A 267 10.40 -10.59 -17.18
CA ASP A 267 9.61 -10.65 -18.41
C ASP A 267 8.15 -10.24 -18.18
N GLY A 268 7.93 -9.29 -17.27
CA GLY A 268 6.60 -8.80 -17.01
C GLY A 268 5.74 -9.58 -16.03
N GLY A 269 6.35 -10.48 -15.27
CA GLY A 269 5.60 -11.26 -14.31
C GLY A 269 5.12 -12.60 -14.84
N ILE A 270 5.73 -13.08 -15.91
CA ILE A 270 5.35 -14.37 -16.49
C ILE A 270 6.17 -15.48 -15.82
N THR A 271 7.49 -15.32 -15.81
CA THR A 271 8.36 -16.30 -15.16
C THR A 271 9.02 -15.62 -13.97
N TRP A 272 9.31 -16.40 -12.93
CA TRP A 272 9.92 -15.85 -11.73
C TRP A 272 11.17 -16.62 -11.30
N ASP A 273 12.09 -15.92 -10.63
CA ASP A 273 13.31 -16.57 -10.15
C ASP A 273 13.05 -17.27 -8.81
N THR A 274 14.11 -17.84 -8.24
CA THR A 274 14.02 -18.57 -6.98
C THR A 274 13.54 -17.76 -5.77
N GLU A 275 12.62 -18.35 -5.01
CA GLU A 275 12.11 -17.70 -3.80
C GLU A 275 13.33 -17.39 -2.93
N LEU A 276 13.45 -16.15 -2.48
CA LEU A 276 14.59 -15.74 -1.66
C LEU A 276 14.18 -15.23 -0.28
N ASN A 277 14.78 -15.81 0.75
CA ASN A 277 14.53 -15.43 2.14
C ASN A 277 15.48 -14.27 2.45
N LEU A 278 14.91 -13.07 2.58
CA LEU A 278 15.68 -11.87 2.84
C LEU A 278 16.09 -11.62 4.29
N THR A 279 15.38 -12.21 5.23
CA THR A 279 15.68 -11.94 6.64
C THR A 279 16.28 -13.07 7.48
N GLU A 280 16.38 -14.28 6.95
CA GLU A 280 16.95 -15.34 7.76
C GLU A 280 18.39 -15.03 8.18
N GLN A 281 19.10 -14.23 7.39
CA GLN A 281 20.48 -13.89 7.74
C GLN A 281 20.55 -12.98 8.97
N ILE A 282 19.43 -12.39 9.36
CA ILE A 282 19.42 -11.56 10.57
C ILE A 282 18.43 -12.20 11.56
N ASN A 283 18.23 -13.51 11.39
CA ASN A 283 17.34 -14.31 12.25
C ASN A 283 17.99 -15.69 12.38
N VAL A 284 19.30 -15.67 12.62
CA VAL A 284 20.11 -16.89 12.73
C VAL A 284 19.71 -17.92 13.78
N SER A 285 18.98 -17.50 14.81
CA SER A 285 18.54 -18.40 15.87
C SER A 285 17.02 -18.54 15.92
N ASP A 286 16.34 -18.05 14.89
CA ASP A 286 14.89 -18.08 14.82
C ASP A 286 14.29 -17.36 16.03
N GLU A 287 14.97 -16.31 16.48
CA GLU A 287 14.49 -15.54 17.64
C GLU A 287 13.48 -14.46 17.27
N PHE A 288 13.29 -14.24 15.98
CA PHE A 288 12.37 -13.20 15.52
C PHE A 288 11.38 -13.67 14.47
N ASP A 289 10.38 -12.83 14.23
CA ASP A 289 9.40 -13.02 13.18
C ASP A 289 9.52 -11.69 12.44
N PHE A 290 9.47 -11.73 11.11
CA PHE A 290 9.50 -10.50 10.33
C PHE A 290 8.17 -10.48 9.60
N SER A 291 7.63 -9.30 9.34
CA SER A 291 6.32 -9.22 8.68
C SER A 291 6.14 -7.95 7.86
N ASP A 292 5.01 -7.91 7.16
CA ASP A 292 4.58 -6.78 6.36
C ASP A 292 5.61 -6.15 5.41
N PRO A 293 5.92 -6.84 4.30
CA PRO A 293 6.88 -6.32 3.32
C PRO A 293 6.24 -5.14 2.60
N ARG A 294 6.80 -3.95 2.78
CA ARG A 294 6.27 -2.72 2.15
C ARG A 294 7.31 -2.19 1.17
N PRO A 295 7.26 -2.63 -0.10
CA PRO A 295 8.22 -2.17 -1.10
C PRO A 295 7.89 -0.84 -1.76
N ILE A 296 8.93 -0.11 -2.14
CA ILE A 296 8.80 1.17 -2.81
C ILE A 296 9.75 1.17 -3.99
N TYR A 297 9.27 1.48 -5.19
CA TYR A 297 10.12 1.54 -6.37
C TYR A 297 10.52 2.99 -6.59
N ASP A 298 11.82 3.24 -6.64
CA ASP A 298 12.36 4.59 -6.84
C ASP A 298 12.93 4.71 -8.26
N PRO A 299 12.25 5.48 -9.14
CA PRO A 299 12.68 5.67 -10.51
C PRO A 299 14.03 6.39 -10.66
N SER A 300 14.34 7.29 -9.73
CA SER A 300 15.58 8.05 -9.81
C SER A 300 16.83 7.16 -9.72
N SER A 301 16.72 6.04 -9.02
CA SER A 301 17.87 5.15 -8.87
C SER A 301 17.57 3.76 -9.45
N ASN A 302 16.34 3.57 -9.89
CA ASN A 302 15.91 2.29 -10.46
C ASN A 302 16.20 1.17 -9.45
N THR A 303 15.73 1.37 -8.23
CA THR A 303 15.92 0.39 -7.17
C THR A 303 14.61 0.16 -6.44
N VAL A 304 14.53 -0.95 -5.73
CA VAL A 304 13.35 -1.25 -4.92
C VAL A 304 13.85 -1.25 -3.48
N LEU A 305 13.19 -0.48 -2.62
CA LEU A 305 13.55 -0.40 -1.22
C LEU A 305 12.38 -1.00 -0.46
N VAL A 306 12.58 -2.17 0.14
CA VAL A 306 11.49 -2.81 0.88
C VAL A 306 11.68 -2.73 2.40
N SER A 307 10.68 -2.16 3.07
CA SER A 307 10.72 -2.02 4.51
C SER A 307 9.84 -3.12 5.13
N TYR A 308 10.24 -3.60 6.30
CA TYR A 308 9.50 -4.66 6.99
C TYR A 308 9.74 -4.57 8.48
N ALA A 309 8.81 -5.13 9.25
CA ALA A 309 8.91 -5.10 10.70
C ALA A 309 9.58 -6.32 11.28
N ARG A 310 10.23 -6.12 12.43
CA ARG A 310 10.85 -7.22 13.15
C ARG A 310 10.06 -7.35 14.46
N TRP A 311 9.94 -8.58 14.96
CA TRP A 311 9.23 -8.82 16.21
C TRP A 311 9.90 -9.96 16.94
N PRO A 312 9.83 -9.97 18.28
CA PRO A 312 10.47 -11.12 18.92
C PRO A 312 9.52 -12.23 18.44
N THR A 313 10.01 -13.46 18.28
CA THR A 313 9.14 -14.53 17.77
C THR A 313 7.93 -14.89 18.62
N ASP A 314 7.94 -14.47 19.89
CA ASP A 314 6.84 -14.80 20.79
C ASP A 314 5.92 -13.67 21.24
N ALA A 315 6.02 -12.50 20.60
CA ALA A 315 5.16 -11.37 20.93
C ALA A 315 5.08 -10.39 19.76
N ALA A 316 3.86 -10.01 19.38
CA ALA A 316 3.69 -9.08 18.27
C ALA A 316 2.51 -8.14 18.44
N GLN A 317 2.03 -7.61 17.33
CA GLN A 317 0.94 -6.66 17.34
C GLN A 317 -0.39 -7.18 17.88
N ASN A 318 -0.78 -8.39 17.48
CA ASN A 318 -2.04 -8.96 17.95
C ASN A 318 -2.09 -9.05 19.48
N GLY A 319 -3.22 -8.64 20.06
CA GLY A 319 -3.39 -8.69 21.49
C GLY A 319 -2.50 -7.71 22.25
N ASP A 320 -1.91 -6.77 21.52
CA ASP A 320 -1.03 -5.78 22.12
C ASP A 320 0.06 -6.46 22.96
N ARG A 321 0.45 -7.68 22.58
CA ARG A 321 1.47 -8.42 23.34
C ARG A 321 2.85 -7.75 23.33
N ILE A 322 3.21 -7.17 22.20
CA ILE A 322 4.49 -6.50 22.07
C ILE A 322 4.57 -5.36 23.08
N LYS A 323 5.77 -5.14 23.61
CA LYS A 323 6.03 -4.09 24.60
C LYS A 323 7.26 -3.29 24.15
N PRO A 324 7.42 -2.05 24.63
CA PRO A 324 8.55 -1.19 24.26
C PRO A 324 9.95 -1.73 24.53
N TRP A 325 10.09 -2.63 25.50
CA TRP A 325 11.42 -3.18 25.83
C TRP A 325 11.79 -4.35 24.94
N MET A 326 10.86 -4.77 24.10
CA MET A 326 11.07 -5.89 23.19
C MET A 326 11.64 -5.44 21.85
N PRO A 327 12.33 -6.35 21.13
CA PRO A 327 12.98 -6.15 19.83
C PRO A 327 12.15 -5.77 18.60
N ASN A 328 10.99 -5.16 18.76
CA ASN A 328 10.24 -4.75 17.58
C ASN A 328 10.99 -3.58 16.93
N GLY A 329 10.92 -3.52 15.61
CA GLY A 329 11.57 -2.44 14.88
C GLY A 329 11.28 -2.55 13.39
N ILE A 330 11.95 -1.70 12.61
CA ILE A 330 11.78 -1.69 11.16
C ILE A 330 13.16 -1.71 10.49
N PHE A 331 13.27 -2.57 9.48
CA PHE A 331 14.48 -2.75 8.69
C PHE A 331 14.12 -2.60 7.22
N TYR A 332 15.12 -2.43 6.36
CA TYR A 332 14.86 -2.34 4.94
C TYR A 332 15.99 -3.02 4.17
N SER A 333 15.66 -3.49 2.97
CA SER A 333 16.62 -4.14 2.09
C SER A 333 16.51 -3.44 0.74
N VAL A 334 17.63 -3.30 0.04
CA VAL A 334 17.63 -2.61 -1.26
C VAL A 334 17.96 -3.56 -2.42
N TYR A 335 17.19 -3.44 -3.49
CA TYR A 335 17.37 -4.25 -4.69
C TYR A 335 17.80 -3.37 -5.86
N ASP A 336 18.89 -3.76 -6.52
CA ASP A 336 19.42 -3.04 -7.67
C ASP A 336 18.80 -3.72 -8.90
N VAL A 337 17.83 -3.06 -9.52
CA VAL A 337 17.14 -3.61 -10.68
C VAL A 337 18.06 -3.94 -11.86
N ALA A 338 18.93 -3.00 -12.23
CA ALA A 338 19.86 -3.19 -13.35
C ALA A 338 20.72 -4.45 -13.25
N SER A 339 21.42 -4.62 -12.13
CA SER A 339 22.28 -5.79 -11.95
C SER A 339 21.55 -6.97 -11.28
N GLY A 340 20.37 -6.71 -10.73
CA GLY A 340 19.60 -7.77 -10.10
C GLY A 340 20.18 -8.32 -8.81
N ASN A 341 20.76 -7.44 -8.00
CA ASN A 341 21.34 -7.85 -6.74
C ASN A 341 20.66 -7.23 -5.53
N TRP A 342 20.44 -8.03 -4.50
CA TRP A 342 19.86 -7.53 -3.27
C TRP A 342 21.02 -7.10 -2.38
N GLN A 343 20.73 -6.23 -1.41
CA GLN A 343 21.72 -5.75 -0.45
C GLN A 343 21.26 -6.20 0.94
N ALA A 344 22.19 -6.27 1.90
CA ALA A 344 21.86 -6.71 3.25
C ALA A 344 20.90 -5.78 4.00
N PRO A 345 20.14 -6.33 4.96
CA PRO A 345 19.17 -5.55 5.76
C PRO A 345 19.82 -4.42 6.56
N ILE A 346 19.11 -3.30 6.65
CA ILE A 346 19.56 -2.12 7.39
C ILE A 346 18.51 -1.80 8.46
N ASP A 347 18.96 -1.59 9.70
CA ASP A 347 18.06 -1.28 10.81
C ASP A 347 17.83 0.23 10.93
N VAL A 348 16.56 0.66 10.94
CA VAL A 348 16.23 2.09 11.07
C VAL A 348 15.32 2.34 12.28
N THR A 349 15.20 1.33 13.13
CA THR A 349 14.36 1.40 14.32
C THR A 349 14.49 2.70 15.13
N ASP A 350 15.72 3.09 15.47
CA ASP A 350 15.90 4.30 16.27
C ASP A 350 15.32 5.56 15.63
N GLN A 351 15.20 5.56 14.31
CA GLN A 351 14.67 6.70 13.58
C GLN A 351 13.15 6.78 13.53
N VAL A 352 12.48 5.63 13.61
CA VAL A 352 11.03 5.62 13.50
C VAL A 352 10.24 5.08 14.69
N LYS A 353 10.91 4.46 15.66
CA LYS A 353 10.23 3.90 16.83
C LYS A 353 10.40 4.82 18.03
N GLU A 354 9.41 5.66 18.29
CA GLU A 354 9.46 6.58 19.40
C GLU A 354 9.53 5.91 20.77
N ARG A 355 10.31 6.50 21.66
CA ARG A 355 10.44 6.03 23.04
C ARG A 355 10.19 7.22 23.96
N SER A 356 9.05 7.23 24.63
CA SER A 356 8.70 8.35 25.50
C SER A 356 7.57 8.05 26.47
N PHE A 357 7.30 9.00 27.36
CA PHE A 357 6.18 8.88 28.28
C PHE A 357 5.11 9.73 27.60
N GLN A 358 3.94 9.14 27.39
CA GLN A 358 2.86 9.82 26.69
C GLN A 358 1.65 10.12 27.55
N ILE A 359 1.19 11.37 27.49
CA ILE A 359 0.02 11.80 28.27
C ILE A 359 -1.06 12.30 27.31
N ALA A 360 -2.16 11.58 27.26
CA ALA A 360 -3.26 11.97 26.38
C ALA A 360 -4.35 12.63 27.22
N GLY A 361 -4.31 13.96 27.29
CA GLY A 361 -5.31 14.70 28.03
C GLY A 361 -6.54 14.93 27.17
N TRP A 362 -7.10 13.86 26.63
CA TRP A 362 -8.28 13.95 25.78
C TRP A 362 -9.53 13.66 26.60
N GLY A 363 -10.15 14.70 27.11
CA GLY A 363 -11.35 14.55 27.91
C GLY A 363 -11.05 14.64 29.39
N GLY A 364 -9.89 15.20 29.72
CA GLY A 364 -9.49 15.34 31.11
C GLY A 364 -8.11 15.98 31.24
N SER A 365 -7.59 16.03 32.46
CA SER A 365 -6.27 16.62 32.69
C SER A 365 -5.41 15.66 33.51
N GLU A 366 -4.13 15.62 33.19
CA GLU A 366 -3.20 14.75 33.90
C GLU A 366 -1.86 15.47 34.02
N LEU A 367 -1.53 15.84 35.25
CA LEU A 367 -0.30 16.57 35.55
C LEU A 367 0.54 15.80 36.56
N TYR A 368 1.84 16.00 36.50
CA TYR A 368 2.76 15.39 37.44
C TYR A 368 3.56 16.51 38.08
N ARG A 369 3.49 16.57 39.40
CA ARG A 369 4.17 17.61 40.15
C ARG A 369 5.14 17.00 41.15
N ARG A 370 6.31 17.61 41.26
CA ARG A 370 7.33 17.16 42.18
C ARG A 370 7.73 18.39 42.98
N ASN A 371 7.38 18.41 44.26
CA ASN A 371 7.71 19.54 45.12
C ASN A 371 9.22 19.63 45.23
N THR A 372 9.75 20.84 45.20
CA THR A 372 11.17 21.06 45.29
C THR A 372 11.52 22.14 46.30
N SER A 373 12.82 22.37 46.48
CA SER A 373 13.29 23.38 47.42
C SER A 373 14.29 24.30 46.74
N LEU A 374 13.92 24.76 45.54
CA LEU A 374 14.77 25.67 44.79
C LEU A 374 15.03 26.92 45.61
N ASN A 375 16.19 27.55 45.42
CA ASN A 375 16.53 28.78 46.12
C ASN A 375 16.45 29.90 45.08
N SER A 376 15.42 30.74 45.18
CA SER A 376 15.25 31.82 44.22
C SER A 376 16.37 32.86 44.23
N GLN A 377 17.23 32.81 45.26
CA GLN A 377 18.33 33.75 45.35
C GLN A 377 19.53 33.32 44.52
N GLN A 378 19.42 32.14 43.89
CA GLN A 378 20.51 31.65 43.05
C GLN A 378 19.99 31.05 41.75
N ASP A 379 20.85 30.99 40.74
CA ASP A 379 20.48 30.47 39.43
C ASP A 379 20.00 29.02 39.45
N TRP A 380 19.09 28.69 38.55
CA TRP A 380 18.60 27.32 38.41
C TRP A 380 18.25 27.09 36.93
N GLN A 381 18.30 25.84 36.50
CA GLN A 381 17.99 25.54 35.11
C GLN A 381 17.13 24.28 35.01
N SER A 382 16.29 24.24 33.99
CA SER A 382 15.43 23.09 33.77
C SER A 382 15.44 22.77 32.29
N ASN A 383 15.25 21.50 31.97
CA ASN A 383 15.22 21.05 30.59
C ASN A 383 14.09 20.06 30.45
N ALA A 384 13.31 20.21 29.39
CA ALA A 384 12.19 19.32 29.13
C ALA A 384 12.13 19.05 27.63
N LYS A 385 12.33 17.79 27.25
CA LYS A 385 12.27 17.42 25.84
C LYS A 385 10.84 16.97 25.61
N ILE A 386 10.07 17.80 24.92
CA ILE A 386 8.67 17.55 24.68
C ILE A 386 8.24 17.62 23.22
N ARG A 387 7.24 16.82 22.90
CA ARG A 387 6.67 16.77 21.57
C ARG A 387 5.17 16.97 21.74
N ILE A 388 4.58 17.86 20.95
CA ILE A 388 3.15 18.10 21.03
C ILE A 388 2.45 17.33 19.93
N VAL A 389 1.66 16.33 20.30
CA VAL A 389 0.94 15.53 19.32
C VAL A 389 -0.26 16.33 18.80
N ASP A 390 -1.01 16.94 19.72
CA ASP A 390 -2.16 17.74 19.33
C ASP A 390 -2.74 18.58 20.47
N GLY A 391 -3.68 19.45 20.11
CA GLY A 391 -4.37 20.27 21.09
C GLY A 391 -3.62 21.39 21.80
N ALA A 392 -4.03 21.67 23.03
CA ALA A 392 -3.45 22.73 23.83
C ALA A 392 -3.45 22.39 25.31
N ALA A 393 -3.14 23.38 26.16
CA ALA A 393 -3.08 23.19 27.60
C ALA A 393 -1.95 22.26 28.00
N ASN A 394 -0.97 22.11 27.12
CA ASN A 394 0.19 21.26 27.37
C ASN A 394 1.25 22.15 27.98
N GLN A 395 1.72 21.83 29.17
CA GLN A 395 2.71 22.71 29.76
C GLN A 395 3.81 22.10 30.60
N ILE A 396 4.83 22.92 30.83
CA ILE A 396 5.97 22.58 31.65
C ILE A 396 6.12 23.80 32.54
N GLN A 397 6.22 23.61 33.84
CA GLN A 397 6.35 24.75 34.74
C GLN A 397 7.38 24.49 35.83
N VAL A 398 7.90 25.59 36.37
CA VAL A 398 8.86 25.54 37.46
C VAL A 398 8.57 26.72 38.36
N ALA A 399 8.43 26.45 39.65
CA ALA A 399 8.18 27.50 40.63
C ALA A 399 9.34 27.38 41.63
N ASP A 400 9.93 28.51 42.01
CA ASP A 400 11.07 28.48 42.93
C ASP A 400 10.84 29.09 44.30
N GLY A 401 9.59 29.26 44.71
CA GLY A 401 9.31 29.83 46.01
C GLY A 401 9.12 31.33 45.98
N SER A 402 9.35 31.94 44.82
CA SER A 402 9.19 33.37 44.68
C SER A 402 8.37 33.68 43.43
N ARG A 403 8.64 32.94 42.36
CA ARG A 403 7.93 33.15 41.11
C ARG A 403 7.64 31.82 40.41
N LYS A 404 6.57 31.81 39.61
CA LYS A 404 6.19 30.61 38.87
C LYS A 404 6.37 30.93 37.39
N TYR A 405 6.98 30.00 36.66
CA TYR A 405 7.22 30.18 35.22
C TYR A 405 6.51 29.04 34.52
N VAL A 406 5.55 29.37 33.68
CA VAL A 406 4.78 28.35 32.97
C VAL A 406 4.80 28.55 31.46
N VAL A 407 5.17 27.50 30.74
CA VAL A 407 5.19 27.52 29.29
C VAL A 407 4.08 26.59 28.83
N THR A 408 3.11 27.14 28.10
CA THR A 408 1.99 26.34 27.59
C THR A 408 2.17 26.19 26.08
N LEU A 409 2.23 24.95 25.62
CA LEU A 409 2.42 24.65 24.20
C LEU A 409 1.13 24.16 23.55
N SER A 410 0.86 24.64 22.35
CA SER A 410 -0.35 24.26 21.63
C SER A 410 -0.18 24.30 20.11
N ILE A 411 -1.15 23.73 19.42
CA ILE A 411 -1.16 23.72 17.96
C ILE A 411 -2.23 24.75 17.59
N ASP A 412 -1.85 25.79 16.87
CA ASP A 412 -2.81 26.82 16.49
C ASP A 412 -3.71 26.40 15.33
N GLU A 413 -4.59 27.32 14.93
CA GLU A 413 -5.52 27.08 13.84
C GLU A 413 -4.85 26.70 12.52
N SER A 414 -3.66 27.24 12.28
CA SER A 414 -2.92 26.96 11.05
C SER A 414 -2.09 25.68 11.14
N GLY A 415 -2.05 25.07 12.31
CA GLY A 415 -1.28 23.86 12.47
C GLY A 415 0.14 24.15 12.93
N GLY A 416 0.36 25.37 13.39
CA GLY A 416 1.69 25.75 13.86
C GLY A 416 1.86 25.47 15.34
N LEU A 417 3.11 25.47 15.81
CA LEU A 417 3.43 25.23 17.21
C LEU A 417 3.57 26.59 17.88
N VAL A 418 2.73 26.83 18.89
CA VAL A 418 2.72 28.10 19.59
C VAL A 418 3.01 27.94 21.08
N ALA A 419 3.71 28.91 21.64
CA ALA A 419 4.04 28.90 23.06
C ALA A 419 3.49 30.17 23.70
N ASN A 420 2.91 30.02 24.88
CA ASN A 420 2.37 31.13 25.64
C ASN A 420 3.02 31.07 27.02
N LEU A 421 3.55 32.20 27.46
CA LEU A 421 4.20 32.28 28.77
C LEU A 421 3.31 33.05 29.72
N ASN A 422 3.17 32.56 30.94
CA ASN A 422 2.31 33.22 31.91
C ASN A 422 2.77 34.65 32.17
N GLY A 423 1.84 35.60 32.01
CA GLY A 423 2.16 37.00 32.22
C GLY A 423 2.52 37.76 30.95
N VAL A 424 2.60 37.04 29.83
CA VAL A 424 2.94 37.66 28.54
C VAL A 424 1.78 37.44 27.58
N SER A 425 1.17 38.53 27.10
CA SER A 425 0.02 38.42 26.20
C SER A 425 0.33 37.91 24.79
N ALA A 426 1.42 38.36 24.20
CA ALA A 426 1.76 37.94 22.84
C ALA A 426 2.27 36.51 22.73
N PRO A 427 1.56 35.66 21.98
CA PRO A 427 1.96 34.27 21.80
C PRO A 427 3.22 34.22 20.93
N ILE A 428 4.00 33.15 21.07
CA ILE A 428 5.22 33.00 20.29
C ILE A 428 5.10 31.83 19.33
N ILE A 429 5.32 32.09 18.04
CA ILE A 429 5.25 31.05 17.02
C ILE A 429 6.61 30.36 16.95
N LEU A 430 6.67 29.13 17.46
CA LEU A 430 7.92 28.37 17.46
C LEU A 430 8.20 27.68 16.12
N GLN A 431 7.18 27.08 15.52
CA GLN A 431 7.34 26.39 14.25
C GLN A 431 6.11 26.55 13.37
N SER A 432 6.32 26.60 12.05
CA SER A 432 5.22 26.72 11.11
C SER A 432 5.23 25.53 10.16
N GLU A 433 6.40 24.92 9.98
CA GLU A 433 6.54 23.75 9.10
C GLU A 433 5.97 22.55 9.87
N HIS A 434 4.90 21.97 9.36
CA HIS A 434 4.23 20.84 10.02
C HIS A 434 5.13 19.73 10.55
N ALA A 435 6.19 19.40 9.82
CA ALA A 435 7.08 18.34 10.27
C ALA A 435 7.76 18.75 11.58
N LYS A 436 8.18 20.00 11.67
CA LYS A 436 8.83 20.50 12.87
C LYS A 436 7.84 20.80 13.99
N VAL A 437 6.60 21.09 13.62
CA VAL A 437 5.56 21.39 14.59
C VAL A 437 5.30 20.25 15.57
N HIS A 438 5.31 19.02 15.07
CA HIS A 438 5.03 17.87 15.92
C HIS A 438 6.24 17.03 16.31
N SER A 439 7.44 17.57 16.10
CA SER A 439 8.66 16.86 16.47
C SER A 439 9.06 17.23 17.89
N PHE A 440 10.03 16.51 18.44
CA PHE A 440 10.51 16.78 19.78
C PHE A 440 11.39 18.02 19.79
N HIS A 441 11.29 18.80 20.86
CA HIS A 441 12.13 19.98 21.03
C HIS A 441 12.57 20.05 22.46
N ASP A 442 13.75 20.63 22.68
CA ASP A 442 14.30 20.77 24.02
C ASP A 442 13.98 22.14 24.59
N TYR A 443 13.09 22.17 25.56
CA TYR A 443 12.70 23.42 26.21
C TYR A 443 13.54 23.59 27.45
N GLU A 444 14.40 24.60 27.42
CA GLU A 444 15.29 24.87 28.54
C GLU A 444 15.01 26.22 29.17
N LEU A 445 14.82 26.22 30.49
CA LEU A 445 14.58 27.46 31.22
C LEU A 445 15.82 27.75 32.02
N GLN A 446 16.34 28.96 31.88
CA GLN A 446 17.52 29.37 32.62
C GLN A 446 17.17 30.59 33.45
N TYR A 447 17.08 30.40 34.76
CA TYR A 447 16.75 31.48 35.68
C TYR A 447 18.02 32.18 36.15
N SER A 448 17.99 33.51 36.12
CA SER A 448 19.11 34.33 36.55
C SER A 448 18.70 35.10 37.81
N ALA A 449 19.30 34.74 38.94
CA ALA A 449 18.99 35.39 40.21
C ALA A 449 19.29 36.88 40.19
N LEU A 450 20.47 37.25 39.67
CA LEU A 450 20.87 38.65 39.63
C LEU A 450 20.01 39.49 38.69
N ASN A 451 19.36 38.84 37.74
CA ASN A 451 18.49 39.54 36.80
C ASN A 451 17.02 39.33 37.14
N HIS A 452 16.76 38.43 38.09
CA HIS A 452 15.39 38.14 38.51
C HIS A 452 14.52 37.81 37.31
N THR A 453 15.09 37.12 36.32
CA THR A 453 14.34 36.77 35.12
C THR A 453 14.71 35.38 34.63
N THR A 454 13.84 34.79 33.81
CA THR A 454 14.08 33.47 33.25
C THR A 454 14.10 33.51 31.74
N THR A 455 15.10 32.88 31.14
CA THR A 455 15.22 32.85 29.68
C THR A 455 14.82 31.49 29.15
N LEU A 456 14.05 31.50 28.06
CA LEU A 456 13.62 30.25 27.45
C LEU A 456 14.47 30.01 26.21
N PHE A 457 15.06 28.81 26.14
CA PHE A 457 15.85 28.40 25.00
C PHE A 457 15.11 27.20 24.43
N VAL A 458 15.01 27.13 23.10
CA VAL A 458 14.38 25.99 22.46
C VAL A 458 15.44 25.45 21.51
N ASP A 459 15.82 24.20 21.71
CA ASP A 459 16.86 23.56 20.90
C ASP A 459 18.15 24.36 20.88
N GLY A 460 18.52 24.91 22.03
CA GLY A 460 19.75 25.68 22.12
C GLY A 460 19.66 27.12 21.65
N GLN A 461 18.50 27.51 21.12
CA GLN A 461 18.33 28.88 20.64
C GLN A 461 17.58 29.72 21.67
N GLN A 462 18.09 30.92 21.93
CA GLN A 462 17.47 31.83 22.88
C GLN A 462 16.20 32.38 22.25
N ILE A 463 15.07 32.22 22.95
CA ILE A 463 13.78 32.68 22.41
C ILE A 463 13.23 33.95 23.05
N THR A 464 13.16 33.96 24.38
CA THR A 464 12.63 35.12 25.08
C THR A 464 12.98 35.06 26.55
N THR A 465 12.77 36.18 27.24
CA THR A 465 13.04 36.28 28.67
C THR A 465 11.79 36.86 29.32
N TRP A 466 11.37 36.32 30.45
CA TRP A 466 10.20 36.85 31.15
C TRP A 466 10.28 36.69 32.65
N ALA A 467 9.41 37.40 33.36
CA ALA A 467 9.42 37.41 34.83
C ALA A 467 8.47 36.44 35.53
N GLY A 468 7.64 35.74 34.77
CA GLY A 468 6.69 34.81 35.38
C GLY A 468 5.66 35.54 36.22
N GLU A 469 5.22 34.92 37.31
CA GLU A 469 4.23 35.51 38.19
C GLU A 469 4.57 35.20 39.65
N VAL A 470 4.26 36.13 40.54
CA VAL A 470 4.53 35.92 41.96
C VAL A 470 3.88 34.62 42.40
N SER A 471 4.59 33.83 43.21
CA SER A 471 4.09 32.56 43.69
C SER A 471 4.88 32.08 44.89
N GLN A 472 4.23 31.32 45.77
CA GLN A 472 4.89 30.78 46.95
C GLN A 472 5.19 29.30 46.72
N GLU A 473 4.73 28.78 45.59
CA GLU A 473 4.95 27.38 45.26
C GLU A 473 6.41 27.13 44.88
N ASN A 474 6.88 25.91 45.14
CA ASN A 474 8.24 25.51 44.83
C ASN A 474 8.14 24.10 44.25
N ASN A 475 8.20 24.01 42.93
CA ASN A 475 8.08 22.71 42.26
C ASN A 475 8.40 22.75 40.77
N ILE A 476 8.30 21.58 40.15
CA ILE A 476 8.46 21.43 38.70
C ILE A 476 7.26 20.55 38.35
N GLN A 477 6.55 20.93 37.29
CA GLN A 477 5.33 20.22 36.91
C GLN A 477 5.15 20.17 35.40
N PHE A 478 4.54 19.09 34.90
CA PHE A 478 4.30 18.94 33.46
C PHE A 478 3.08 18.05 33.18
N GLY A 479 2.51 18.22 32.00
CA GLY A 479 1.36 17.43 31.59
C GLY A 479 0.30 18.28 30.88
N ASN A 480 -0.92 17.76 30.80
CA ASN A 480 -2.03 18.49 30.19
C ASN A 480 -2.81 19.03 31.38
N ALA A 481 -2.93 20.36 31.46
CA ALA A 481 -3.56 20.99 32.61
C ALA A 481 -5.04 21.39 32.62
N ASP A 482 -5.78 21.08 31.56
CA ASP A 482 -7.18 21.50 31.53
C ASP A 482 -8.12 20.42 31.02
N ALA A 483 -9.11 20.05 31.84
CA ALA A 483 -10.06 19.02 31.45
C ALA A 483 -10.95 19.45 30.29
N GLN A 484 -11.11 20.76 30.10
CA GLN A 484 -11.94 21.27 29.01
C GLN A 484 -11.15 21.60 27.75
N ILE A 485 -9.86 21.28 27.75
CA ILE A 485 -9.02 21.55 26.58
C ILE A 485 -8.22 20.30 26.22
N ASP A 486 -8.62 19.64 25.14
CA ASP A 486 -7.94 18.43 24.71
C ASP A 486 -6.50 18.69 24.27
N GLY A 487 -5.61 17.79 24.65
CA GLY A 487 -4.21 17.91 24.29
C GLY A 487 -3.43 16.66 24.62
N ARG A 488 -2.42 16.36 23.81
CA ARG A 488 -1.59 15.19 24.03
C ARG A 488 -0.13 15.58 23.82
N LEU A 489 0.69 15.30 24.82
CA LEU A 489 2.11 15.61 24.76
C LEU A 489 2.92 14.38 25.14
N HIS A 490 4.07 14.21 24.51
CA HIS A 490 4.96 13.09 24.80
C HIS A 490 6.25 13.67 25.36
N VAL A 491 6.77 13.07 26.42
CA VAL A 491 7.97 13.57 27.09
C VAL A 491 9.10 12.54 27.08
N GLN A 492 10.33 12.98 26.81
CA GLN A 492 11.47 12.07 26.81
C GLN A 492 12.43 12.34 27.96
N LYS A 493 12.41 13.56 28.48
CA LYS A 493 13.31 13.88 29.59
C LYS A 493 12.93 15.15 30.31
N ILE A 494 13.10 15.12 31.63
CA ILE A 494 12.80 16.28 32.46
C ILE A 494 13.91 16.34 33.51
N VAL A 495 14.52 17.51 33.65
CA VAL A 495 15.61 17.70 34.60
C VAL A 495 15.56 19.10 35.20
N LEU A 496 15.86 19.20 36.48
CA LEU A 496 15.89 20.48 37.18
C LEU A 496 17.24 20.50 37.88
N THR A 497 17.98 21.60 37.71
CA THR A 497 19.30 21.73 38.31
C THR A 497 19.53 23.09 38.98
N GLN A 498 20.36 23.07 40.03
CA GLN A 498 20.73 24.27 40.75
C GLN A 498 22.03 24.00 41.51
N GLN A 499 22.99 24.90 41.36
CA GLN A 499 24.28 24.77 42.03
C GLN A 499 25.02 23.53 41.52
N GLY A 500 24.78 23.21 40.25
CA GLY A 500 25.44 22.05 39.64
C GLY A 500 24.90 20.71 40.11
N HIS A 501 23.77 20.73 40.80
CA HIS A 501 23.16 19.50 41.30
C HIS A 501 21.78 19.26 40.69
N ASN A 502 21.56 18.05 40.19
CA ASN A 502 20.28 17.70 39.60
C ASN A 502 19.29 17.41 40.72
N LEU A 503 18.29 18.29 40.86
CA LEU A 503 17.27 18.14 41.89
C LEU A 503 16.25 17.07 41.48
N VAL A 504 15.94 17.03 40.19
CA VAL A 504 15.00 16.07 39.67
C VAL A 504 15.51 15.58 38.32
N GLU A 505 15.40 14.28 38.08
CA GLU A 505 15.83 13.66 36.83
C GLU A 505 14.82 12.60 36.42
N PHE A 506 14.21 12.78 35.25
CA PHE A 506 13.24 11.83 34.74
C PHE A 506 13.57 11.58 33.27
N ASP A 507 14.20 10.44 33.01
CA ASP A 507 14.59 10.07 31.65
C ASP A 507 13.58 9.07 31.11
N ALA A 508 12.53 9.58 30.47
CA ALA A 508 11.49 8.73 29.91
C ALA A 508 11.97 7.91 28.72
N PHE A 509 12.90 8.48 27.96
CA PHE A 509 13.47 7.80 26.80
C PHE A 509 14.11 6.49 27.27
N TYR A 510 14.87 6.59 28.36
CA TYR A 510 15.54 5.43 28.92
C TYR A 510 14.56 4.46 29.57
N LEU A 511 13.70 4.98 30.44
CA LEU A 511 12.73 4.16 31.15
C LEU A 511 11.78 3.35 30.26
N ALA A 512 11.30 3.94 29.17
CA ALA A 512 10.37 3.25 28.28
C ALA A 512 10.95 1.96 27.71
N GLN A 513 12.27 1.93 27.55
CA GLN A 513 12.96 0.76 27.01
C GLN A 513 13.35 -0.30 28.03
N GLN A 514 13.08 -0.05 29.30
CA GLN A 514 13.45 -1.01 30.34
C GLN A 514 12.38 -2.08 30.61
N THR A 515 12.82 -3.21 31.16
CA THR A 515 11.90 -4.29 31.50
C THR A 515 11.16 -3.93 32.77
N PRO A 516 10.07 -4.64 33.09
CA PRO A 516 9.26 -4.38 34.28
C PRO A 516 10.04 -4.50 35.59
N GLU A 517 11.27 -4.99 35.50
CA GLU A 517 12.13 -5.16 36.66
C GLU A 517 12.59 -3.78 37.17
N VAL A 518 12.50 -2.78 36.30
CA VAL A 518 12.90 -1.42 36.66
C VAL A 518 11.66 -0.58 36.97
N GLU A 519 11.74 0.25 38.01
CA GLU A 519 10.61 1.10 38.39
C GLU A 519 10.40 2.23 37.39
N LYS A 520 9.18 2.34 36.88
CA LYS A 520 8.85 3.37 35.90
C LYS A 520 7.66 4.23 36.32
N ASP A 521 6.98 3.82 37.38
CA ASP A 521 5.81 4.56 37.86
C ASP A 521 6.20 5.91 38.46
N LEU A 522 5.75 6.99 37.83
CA LEU A 522 6.07 8.33 38.29
C LEU A 522 5.71 8.57 39.76
N GLU A 523 4.58 8.03 40.21
CA GLU A 523 4.16 8.22 41.59
C GLU A 523 5.09 7.50 42.55
N LYS A 524 5.73 6.43 42.09
CA LYS A 524 6.65 5.70 42.95
C LYS A 524 8.05 6.30 42.85
N LEU A 525 8.25 7.17 41.87
CA LEU A 525 9.55 7.81 41.67
C LEU A 525 9.66 9.15 42.37
N GLY A 526 8.60 9.55 43.06
CA GLY A 526 8.62 10.82 43.78
C GLY A 526 7.69 11.89 43.24
N TRP A 527 6.89 11.58 42.23
CA TRP A 527 5.98 12.57 41.66
C TRP A 527 4.54 12.40 42.14
N THR A 528 3.81 13.50 42.15
CA THR A 528 2.40 13.50 42.54
C THR A 528 1.55 13.59 41.27
N LYS A 529 0.62 12.67 41.12
CA LYS A 529 -0.25 12.68 39.94
C LYS A 529 -1.52 13.44 40.25
N ILE A 530 -1.82 14.46 39.45
CA ILE A 530 -3.03 15.26 39.63
C ILE A 530 -3.86 15.07 38.39
N LYS A 531 -4.96 14.33 38.52
CA LYS A 531 -5.82 14.02 37.37
C LYS A 531 -7.30 14.27 37.60
N THR A 532 -7.97 14.76 36.55
CA THR A 532 -9.41 15.01 36.59
C THR A 532 -9.99 14.53 35.25
N GLY A 533 -11.26 14.14 35.25
CA GLY A 533 -11.88 13.66 34.03
C GLY A 533 -11.28 12.36 33.54
N ASN A 534 -11.30 12.16 32.23
CA ASN A 534 -10.75 10.95 31.64
C ASN A 534 -9.47 11.23 30.87
N THR A 535 -8.41 10.49 31.17
CA THR A 535 -7.14 10.64 30.49
C THR A 535 -6.47 9.28 30.45
N MET A 536 -5.36 9.21 29.74
CA MET A 536 -4.59 7.98 29.64
C MET A 536 -3.15 8.36 29.42
N SER A 537 -2.25 7.64 30.08
CA SER A 537 -0.82 7.87 29.94
C SER A 537 -0.14 6.52 29.82
N LEU A 538 1.02 6.51 29.20
CA LEU A 538 1.75 5.26 28.98
C LEU A 538 3.15 5.54 28.49
N TYR A 539 4.00 4.51 28.54
CA TYR A 539 5.37 4.63 28.08
C TYR A 539 5.52 4.13 26.65
N GLY A 540 6.34 4.89 25.90
CA GLY A 540 6.72 4.66 24.50
C GLY A 540 5.78 3.93 23.58
N ASN A 541 6.06 3.93 22.29
CA ASN A 541 5.17 3.18 21.42
C ASN A 541 5.53 1.73 21.54
N ALA A 542 4.52 0.88 21.69
CA ALA A 542 4.73 -0.54 21.81
C ALA A 542 5.36 -1.09 20.55
N SER A 543 4.98 -0.54 19.39
CA SER A 543 5.52 -1.03 18.12
C SER A 543 5.21 -0.20 16.88
N VAL A 544 6.00 -0.42 15.83
CA VAL A 544 5.81 0.22 14.54
C VAL A 544 5.86 -0.93 13.53
N ASN A 545 5.05 -0.81 12.48
CA ASN A 545 4.93 -1.86 11.47
C ASN A 545 4.60 -1.21 10.13
N PRO A 546 5.40 -1.46 9.08
CA PRO A 546 5.14 -0.86 7.76
C PRO A 546 3.73 -1.11 7.21
N GLY A 547 3.14 -2.24 7.56
CA GLY A 547 1.81 -2.54 7.06
C GLY A 547 1.89 -3.25 5.71
N PRO A 548 0.83 -3.91 5.26
CA PRO A 548 0.78 -4.64 3.99
C PRO A 548 0.44 -3.87 2.71
N GLY A 549 1.32 -4.00 1.71
CA GLY A 549 1.12 -3.33 0.43
C GLY A 549 2.43 -2.69 0.00
N HIS A 550 2.36 -1.72 -0.89
CA HIS A 550 3.57 -1.03 -1.35
C HIS A 550 3.53 0.43 -0.94
N GLY A 551 4.69 1.08 -0.99
CA GLY A 551 4.78 2.49 -0.68
C GLY A 551 4.95 3.22 -1.98
N ILE A 552 5.20 4.53 -1.94
CA ILE A 552 5.37 5.29 -3.17
C ILE A 552 6.48 6.33 -3.09
N THR A 553 6.87 6.82 -4.26
CA THR A 553 7.88 7.85 -4.40
C THR A 553 7.07 9.02 -4.99
N LEU A 554 7.07 10.14 -4.29
CA LEU A 554 6.31 11.31 -4.73
C LEU A 554 6.97 12.03 -5.90
N THR A 555 6.15 12.52 -6.83
CA THR A 555 6.68 13.23 -8.00
C THR A 555 5.83 14.43 -8.42
N ARG A 556 4.79 14.77 -7.65
CA ARG A 556 3.96 15.91 -7.98
C ARG A 556 3.84 16.83 -6.78
N GLN A 557 4.95 17.01 -6.08
CA GLN A 557 4.99 17.84 -4.88
C GLN A 557 5.49 19.26 -5.07
N GLN A 558 5.80 19.65 -6.30
CA GLN A 558 6.33 20.99 -6.57
C GLN A 558 5.55 22.12 -5.90
N ASN A 559 4.24 21.97 -5.76
CA ASN A 559 3.44 23.02 -5.13
C ASN A 559 2.91 22.64 -3.75
N ILE A 560 3.63 21.76 -3.06
CA ILE A 560 3.23 21.34 -1.72
C ILE A 560 4.29 21.83 -0.75
N SER A 561 3.95 22.82 0.06
CA SER A 561 4.88 23.39 1.03
C SER A 561 5.35 22.38 2.07
N GLY A 562 6.67 22.34 2.29
CA GLY A 562 7.23 21.43 3.27
C GLY A 562 7.52 20.05 2.73
N SER A 563 7.07 19.77 1.51
CA SER A 563 7.29 18.47 0.90
C SER A 563 8.34 18.57 -0.21
N GLN A 564 8.55 17.46 -0.93
CA GLN A 564 9.52 17.47 -2.01
C GLN A 564 9.31 16.27 -2.92
N ASN A 565 9.75 16.39 -4.18
CA ASN A 565 9.64 15.27 -5.08
C ASN A 565 10.77 14.31 -4.71
N GLY A 566 10.54 13.03 -4.87
CA GLY A 566 11.57 12.06 -4.51
C GLY A 566 11.32 11.47 -3.15
N ARG A 567 10.41 12.07 -2.37
CA ARG A 567 10.08 11.57 -1.04
C ARG A 567 9.57 10.13 -1.11
N LEU A 568 10.17 9.25 -0.32
CA LEU A 568 9.76 7.86 -0.24
C LEU A 568 8.80 7.81 0.94
N ILE A 569 7.63 7.20 0.78
CA ILE A 569 6.67 7.18 1.88
C ILE A 569 5.71 6.00 1.88
N TYR A 570 5.33 5.58 3.08
CA TYR A 570 4.36 4.50 3.25
C TYR A 570 3.58 4.74 4.55
N PRO A 571 2.32 4.27 4.60
CA PRO A 571 1.48 4.44 5.78
C PRO A 571 1.70 3.28 6.74
N ALA A 572 2.46 3.53 7.81
CA ALA A 572 2.76 2.49 8.79
C ALA A 572 1.74 2.39 9.90
N ILE A 573 1.78 1.27 10.63
CA ILE A 573 0.88 1.06 11.75
C ILE A 573 1.65 1.21 13.04
N VAL A 574 1.14 2.06 13.92
CA VAL A 574 1.78 2.30 15.21
C VAL A 574 0.84 1.98 16.36
N LEU A 575 1.36 1.23 17.32
CA LEU A 575 0.61 0.84 18.51
C LEU A 575 1.22 1.62 19.68
N ASP A 576 0.45 2.53 20.28
CA ASP A 576 1.02 3.27 21.42
C ASP A 576 1.16 2.30 22.58
N ARG A 577 0.05 1.66 22.94
CA ARG A 577 0.05 0.64 23.98
C ARG A 577 -1.10 -0.33 23.69
N PHE A 578 -2.33 0.20 23.63
CA PHE A 578 -3.53 -0.59 23.36
C PHE A 578 -4.21 -0.28 22.03
N PHE A 579 -3.96 0.92 21.49
CA PHE A 579 -4.63 1.32 20.28
C PHE A 579 -3.76 1.48 19.04
N LEU A 580 -4.31 1.02 17.92
CA LEU A 580 -3.62 1.09 16.63
C LEU A 580 -4.07 2.33 15.85
N ASN A 581 -3.13 2.92 15.11
CA ASN A 581 -3.44 4.05 14.26
C ASN A 581 -2.38 4.02 13.16
N VAL A 582 -2.53 4.89 12.17
CA VAL A 582 -1.60 4.94 11.06
C VAL A 582 -0.86 6.27 11.03
N MET A 583 0.40 6.22 10.60
CA MET A 583 1.23 7.41 10.47
C MET A 583 2.16 7.19 9.29
N SER A 584 2.55 8.27 8.65
CA SER A 584 3.46 8.17 7.52
C SER A 584 4.87 7.95 8.05
N ILE A 585 5.64 7.16 7.32
CA ILE A 585 7.06 6.95 7.64
C ILE A 585 7.63 7.33 6.28
N TYR A 586 8.53 8.31 6.27
CA TYR A 586 9.06 8.79 5.01
C TYR A 586 10.53 9.18 5.08
N SER A 587 11.12 9.33 3.90
CA SER A 587 12.52 9.70 3.80
C SER A 587 12.70 10.72 2.69
N ASP A 588 13.37 11.83 3.00
CA ASP A 588 13.61 12.85 2.00
C ASP A 588 15.03 12.78 1.44
N ASP A 589 15.72 11.67 1.70
CA ASP A 589 17.08 11.53 1.19
C ASP A 589 17.36 10.17 0.53
N GLY A 590 16.34 9.62 -0.13
CA GLY A 590 16.53 8.35 -0.82
C GLY A 590 16.43 7.07 -0.01
N GLY A 591 16.10 7.17 1.27
CA GLY A 591 15.97 5.98 2.09
C GLY A 591 17.05 5.77 3.13
N SER A 592 17.96 6.73 3.28
CA SER A 592 19.03 6.63 4.25
C SER A 592 18.55 7.04 5.64
N ASN A 593 17.79 8.14 5.70
CA ASN A 593 17.26 8.65 6.95
C ASN A 593 15.75 8.76 6.87
N TRP A 594 15.07 8.25 7.89
CA TRP A 594 13.62 8.26 7.91
C TRP A 594 13.04 9.10 9.03
N GLN A 595 11.82 9.58 8.81
CA GLN A 595 11.11 10.41 9.78
C GLN A 595 9.67 9.91 9.85
N THR A 596 8.95 10.28 10.90
CA THR A 596 7.55 9.86 11.03
C THR A 596 6.63 11.07 11.02
N GLY A 597 5.42 10.87 10.51
CA GLY A 597 4.44 11.94 10.45
C GLY A 597 3.46 11.77 11.59
N SER A 598 2.40 12.57 11.60
CA SER A 598 1.39 12.49 12.65
C SER A 598 0.41 11.37 12.36
N THR A 599 -0.20 10.82 13.42
CA THR A 599 -1.18 9.75 13.24
C THR A 599 -2.47 10.33 12.70
N LEU A 600 -3.30 9.49 12.09
CA LEU A 600 -4.57 9.94 11.53
C LEU A 600 -5.50 10.53 12.57
N PRO A 601 -6.23 11.60 12.20
CA PRO A 601 -7.17 12.23 13.12
C PRO A 601 -8.45 11.41 13.14
N ILE A 602 -8.82 10.92 14.32
CA ILE A 602 -10.02 10.11 14.44
C ILE A 602 -10.85 10.56 15.63
N PRO A 603 -12.18 10.39 15.54
CA PRO A 603 -13.07 10.79 16.64
C PRO A 603 -12.93 9.89 17.85
N PHE A 604 -13.28 10.44 19.02
CA PHE A 604 -13.23 9.70 20.27
C PHE A 604 -14.37 10.22 21.13
N ARG A 605 -14.84 9.37 22.05
CA ARG A 605 -15.92 9.77 22.94
C ARG A 605 -15.86 8.91 24.19
N TRP A 606 -16.17 9.52 25.34
CA TRP A 606 -16.19 8.78 26.60
C TRP A 606 -17.65 8.53 26.95
N LYS A 607 -18.04 7.26 27.05
CA LYS A 607 -19.41 6.90 27.40
C LYS A 607 -19.49 6.74 28.91
N SER A 608 -20.46 7.40 29.52
CA SER A 608 -20.64 7.37 30.97
C SER A 608 -19.35 7.72 31.69
N SER A 609 -18.60 8.67 31.14
CA SER A 609 -17.35 9.11 31.73
C SER A 609 -16.43 7.96 32.11
N SER A 610 -16.45 6.88 31.31
CA SER A 610 -15.61 5.74 31.64
C SER A 610 -15.20 4.83 30.49
N ILE A 611 -16.04 4.70 29.48
CA ILE A 611 -15.74 3.82 28.36
C ILE A 611 -15.27 4.58 27.13
N LEU A 612 -14.06 4.26 26.68
CA LEU A 612 -13.50 4.93 25.50
C LEU A 612 -14.01 4.33 24.21
N GLU A 613 -14.47 5.21 23.33
CA GLU A 613 -15.01 4.81 22.03
C GLU A 613 -14.20 5.55 20.97
N THR A 614 -13.43 4.81 20.18
CA THR A 614 -12.63 5.44 19.14
C THR A 614 -12.39 4.48 17.98
N LEU A 615 -11.59 4.90 17.00
CA LEU A 615 -11.30 4.05 15.85
C LEU A 615 -9.89 3.51 15.92
N GLU A 616 -9.62 2.43 15.19
CA GLU A 616 -8.29 1.84 15.17
C GLU A 616 -7.84 1.54 13.73
N PRO A 617 -7.42 2.58 13.00
CA PRO A 617 -6.97 2.40 11.62
C PRO A 617 -5.72 1.52 11.63
N SER A 618 -5.62 0.59 10.69
CA SER A 618 -4.47 -0.31 10.66
C SER A 618 -3.84 -0.47 9.28
N GLU A 619 -4.19 -1.55 8.58
CA GLU A 619 -3.63 -1.80 7.26
C GLU A 619 -4.10 -0.76 6.24
N ALA A 620 -3.16 0.07 5.79
CA ALA A 620 -3.47 1.16 4.87
C ALA A 620 -2.62 1.21 3.61
N ASP A 621 -3.10 1.95 2.62
CA ASP A 621 -2.41 2.10 1.35
C ASP A 621 -2.64 3.52 0.87
N MET A 622 -1.65 4.13 0.22
CA MET A 622 -1.82 5.49 -0.26
C MET A 622 -1.40 5.69 -1.70
N VAL A 623 -1.95 6.73 -2.30
CA VAL A 623 -1.61 7.08 -3.68
C VAL A 623 -1.49 8.60 -3.77
N GLU A 624 -0.61 9.08 -4.65
CA GLU A 624 -0.43 10.51 -4.85
C GLU A 624 -1.37 10.98 -5.95
N LEU A 625 -2.22 11.96 -5.62
CA LEU A 625 -3.18 12.49 -6.59
C LEU A 625 -2.50 13.44 -7.57
N GLN A 626 -3.23 13.87 -8.59
CA GLN A 626 -2.66 14.75 -9.61
C GLN A 626 -2.14 16.07 -9.08
N ASN A 627 -2.80 16.61 -8.06
CA ASN A 627 -2.38 17.90 -7.50
C ASN A 627 -1.38 17.79 -6.35
N GLY A 628 -0.88 16.59 -6.10
CA GLY A 628 0.09 16.41 -5.03
C GLY A 628 -0.50 16.02 -3.69
N ASP A 629 -1.83 16.05 -3.58
CA ASP A 629 -2.46 15.64 -2.33
C ASP A 629 -2.31 14.13 -2.27
N LEU A 630 -2.28 13.59 -1.06
CA LEU A 630 -2.14 12.14 -0.92
C LEU A 630 -3.45 11.56 -0.41
N LEU A 631 -3.94 10.55 -1.09
CA LEU A 631 -5.19 9.88 -0.71
C LEU A 631 -4.80 8.56 -0.03
N LEU A 632 -5.29 8.37 1.18
CA LEU A 632 -4.99 7.17 1.95
C LEU A 632 -6.28 6.40 2.24
N THR A 633 -6.23 5.08 2.08
CA THR A 633 -7.41 4.25 2.37
C THR A 633 -6.97 3.29 3.45
N ALA A 634 -7.71 3.23 4.54
CA ALA A 634 -7.33 2.36 5.64
C ALA A 634 -8.40 1.42 6.18
N ARG A 635 -7.95 0.24 6.56
CA ARG A 635 -8.80 -0.76 7.16
C ARG A 635 -9.06 -0.26 8.58
N LEU A 636 -10.31 -0.38 9.04
CA LEU A 636 -10.65 0.06 10.38
C LEU A 636 -10.94 -1.19 11.21
N ASP A 637 -10.04 -1.52 12.13
CA ASP A 637 -10.22 -2.71 12.96
C ASP A 637 -10.92 -2.42 14.27
N PHE A 638 -11.44 -3.48 14.88
CA PHE A 638 -12.12 -3.39 16.17
C PHE A 638 -13.31 -2.42 16.11
N ASN A 639 -13.45 -1.54 17.12
CA ASN A 639 -14.60 -0.62 17.12
C ASN A 639 -14.66 0.32 15.93
N GLN A 640 -15.83 0.40 15.28
CA GLN A 640 -15.99 1.26 14.11
C GLN A 640 -17.09 2.32 14.27
N ILE A 641 -17.76 2.32 15.41
CA ILE A 641 -18.83 3.27 15.68
C ILE A 641 -18.43 4.24 16.80
N VAL A 642 -18.53 5.53 16.52
CA VAL A 642 -18.20 6.55 17.51
C VAL A 642 -19.32 7.58 17.58
N ASN A 643 -19.88 7.74 18.77
CA ASN A 643 -20.97 8.69 18.98
C ASN A 643 -22.10 8.51 17.96
N GLY A 644 -22.54 7.27 17.78
CA GLY A 644 -23.63 6.99 16.86
C GLY A 644 -23.31 7.02 15.37
N VAL A 645 -22.05 7.31 15.04
CA VAL A 645 -21.64 7.35 13.64
C VAL A 645 -20.86 6.09 13.29
N ASN A 646 -21.32 5.38 12.26
CA ASN A 646 -20.65 4.16 11.84
C ASN A 646 -19.69 4.51 10.71
N TYR A 647 -18.39 4.30 10.95
CA TYR A 647 -17.38 4.63 9.95
C TYR A 647 -17.07 3.49 8.95
N SER A 648 -17.73 2.36 9.11
CA SER A 648 -17.56 1.19 8.24
C SER A 648 -16.20 0.48 8.44
N PRO A 649 -15.95 -0.60 7.68
CA PRO A 649 -14.67 -1.30 7.83
C PRO A 649 -13.49 -0.67 7.08
N ARG A 650 -13.74 0.43 6.38
CA ARG A 650 -12.69 1.13 5.63
C ARG A 650 -12.97 2.64 5.59
N GLN A 651 -11.92 3.44 5.69
CA GLN A 651 -12.06 4.90 5.69
C GLN A 651 -10.91 5.59 4.95
N GLN A 652 -11.25 6.59 4.14
CA GLN A 652 -10.24 7.33 3.38
C GLN A 652 -9.83 8.62 4.06
N PHE A 653 -8.57 8.99 3.89
CA PHE A 653 -8.01 10.20 4.48
C PHE A 653 -7.23 10.97 3.41
N LEU A 654 -7.03 12.26 3.65
CA LEU A 654 -6.33 13.11 2.71
C LEU A 654 -5.22 13.94 3.38
N SER A 655 -4.08 14.05 2.71
CA SER A 655 -2.97 14.86 3.23
C SER A 655 -2.62 15.92 2.22
N LYS A 656 -2.53 17.17 2.67
CA LYS A 656 -2.19 18.28 1.79
C LYS A 656 -0.78 18.80 2.06
N ASP A 657 0.00 18.06 2.85
CA ASP A 657 1.35 18.50 3.16
C ASP A 657 2.43 17.43 2.98
N GLY A 658 2.26 16.59 1.96
CA GLY A 658 3.25 15.56 1.71
C GLY A 658 3.20 14.33 2.61
N GLY A 659 2.09 14.16 3.32
CA GLY A 659 1.95 13.00 4.19
C GLY A 659 2.26 13.23 5.66
N ILE A 660 2.51 14.48 6.04
CA ILE A 660 2.82 14.79 7.43
C ILE A 660 1.55 14.71 8.29
N THR A 661 0.51 15.41 7.86
CA THR A 661 -0.77 15.41 8.59
C THR A 661 -1.89 14.98 7.66
N TRP A 662 -2.96 14.45 8.24
CA TRP A 662 -4.09 13.99 7.46
C TRP A 662 -5.43 14.53 7.93
N SER A 663 -6.45 14.30 7.12
CA SER A 663 -7.81 14.72 7.42
C SER A 663 -8.74 13.59 7.03
N LEU A 664 -9.72 13.30 7.87
CA LEU A 664 -10.66 12.23 7.59
C LEU A 664 -11.68 12.78 6.59
N LEU A 665 -11.85 12.07 5.47
CA LEU A 665 -12.79 12.51 4.43
C LEU A 665 -14.21 12.07 4.75
N GLU A 666 -15.05 13.03 5.10
CA GLU A 666 -16.44 12.76 5.46
C GLU A 666 -17.16 11.97 4.37
N ALA A 667 -17.91 10.95 4.80
CA ALA A 667 -18.67 10.10 3.90
C ALA A 667 -17.85 9.40 2.82
N ASN A 668 -16.53 9.42 2.97
CA ASN A 668 -15.66 8.76 2.01
C ASN A 668 -15.07 7.55 2.74
N ASN A 669 -15.88 6.50 2.84
CA ASN A 669 -15.50 5.27 3.52
C ASN A 669 -15.77 4.04 2.64
N ALA A 670 -16.12 2.92 3.26
CA ALA A 670 -16.38 1.70 2.49
C ALA A 670 -17.53 1.87 1.50
N ASN A 671 -18.43 2.82 1.77
CA ASN A 671 -19.58 3.00 0.88
C ASN A 671 -19.31 3.58 -0.51
N VAL A 672 -18.15 4.18 -0.74
CA VAL A 672 -17.86 4.71 -2.07
C VAL A 672 -17.52 3.55 -3.01
N PHE A 673 -17.25 2.39 -2.43
CA PHE A 673 -16.92 1.20 -3.21
C PHE A 673 -18.13 0.30 -3.31
N SER A 674 -18.89 0.45 -4.40
CA SER A 674 -20.08 -0.37 -4.58
C SER A 674 -19.73 -1.86 -4.59
N ASN A 675 -20.55 -2.65 -3.89
CA ASN A 675 -20.40 -4.09 -3.78
C ASN A 675 -19.10 -4.61 -3.18
N ILE A 676 -18.47 -3.81 -2.31
CA ILE A 676 -17.25 -4.24 -1.66
C ILE A 676 -17.66 -5.15 -0.50
N SER A 677 -16.78 -6.07 -0.10
CA SER A 677 -17.10 -6.95 1.02
C SER A 677 -17.30 -6.14 2.28
N THR A 678 -18.14 -6.64 3.19
CA THR A 678 -18.41 -5.94 4.45
C THR A 678 -17.45 -6.36 5.56
N GLY A 679 -16.54 -7.28 5.26
CA GLY A 679 -15.59 -7.72 6.27
C GLY A 679 -14.29 -6.93 6.20
N THR A 680 -13.60 -6.80 7.33
CA THR A 680 -12.34 -6.07 7.36
C THR A 680 -11.27 -6.92 6.70
N VAL A 681 -10.44 -6.29 5.87
CA VAL A 681 -9.37 -6.99 5.15
C VAL A 681 -8.48 -5.95 4.47
N ASP A 682 -7.24 -6.33 4.15
CA ASP A 682 -6.34 -5.39 3.49
C ASP A 682 -6.77 -5.19 2.05
N ALA A 683 -6.55 -3.99 1.55
CA ALA A 683 -6.90 -3.64 0.17
C ALA A 683 -5.65 -3.08 -0.48
N SER A 684 -5.81 -2.57 -1.70
CA SER A 684 -4.69 -1.98 -2.41
C SER A 684 -5.23 -0.84 -3.28
N ILE A 685 -4.40 0.19 -3.46
CA ILE A 685 -4.79 1.32 -4.28
C ILE A 685 -3.52 1.78 -5.00
N THR A 686 -3.67 2.22 -6.25
CA THR A 686 -2.52 2.67 -7.00
C THR A 686 -2.93 3.53 -8.20
N ARG A 687 -1.96 4.26 -8.74
CA ARG A 687 -2.21 5.12 -9.88
C ARG A 687 -1.90 4.41 -11.20
N PHE A 688 -2.68 4.73 -12.22
CA PHE A 688 -2.46 4.15 -13.53
C PHE A 688 -2.39 5.29 -14.54
N GLU A 689 -1.28 5.39 -15.26
CA GLU A 689 -1.10 6.44 -16.24
C GLU A 689 -0.96 5.82 -17.62
N GLN A 690 -1.75 6.31 -18.57
CA GLN A 690 -1.69 5.79 -19.93
C GLN A 690 -0.65 6.54 -20.74
N SER A 691 -0.33 6.02 -21.92
CA SER A 691 0.67 6.65 -22.77
C SER A 691 0.27 8.03 -23.27
N ASP A 692 -1.03 8.33 -23.26
CA ASP A 692 -1.52 9.64 -23.72
C ASP A 692 -1.44 10.69 -22.62
N GLY A 693 -0.99 10.29 -21.44
CA GLY A 693 -0.88 11.22 -20.33
C GLY A 693 -2.01 11.17 -19.33
N SER A 694 -3.18 10.70 -19.76
CA SER A 694 -4.33 10.61 -18.86
C SER A 694 -4.03 9.65 -17.71
N HIS A 695 -4.77 9.77 -16.63
CA HIS A 695 -4.56 8.91 -15.47
C HIS A 695 -5.83 8.68 -14.68
N PHE A 696 -5.80 7.68 -13.81
CA PHE A 696 -6.91 7.35 -12.94
C PHE A 696 -6.42 6.40 -11.85
N LEU A 697 -7.27 6.12 -10.87
CA LEU A 697 -6.88 5.25 -9.75
C LEU A 697 -7.47 3.85 -9.85
N LEU A 698 -6.75 2.88 -9.29
CA LEU A 698 -7.20 1.50 -9.27
C LEU A 698 -7.25 1.03 -7.80
N PHE A 699 -8.23 0.22 -7.47
CA PHE A 699 -8.43 -0.30 -6.11
C PHE A 699 -8.88 -1.75 -6.16
N THR A 700 -8.29 -2.60 -5.31
CA THR A 700 -8.68 -4.01 -5.27
C THR A 700 -9.05 -4.42 -3.85
N ASN A 701 -10.06 -5.28 -3.75
CA ASN A 701 -10.57 -5.76 -2.46
C ASN A 701 -11.60 -6.82 -2.78
N PRO A 702 -11.82 -7.78 -1.87
CA PRO A 702 -12.82 -8.82 -2.12
C PRO A 702 -14.20 -8.15 -2.22
N GLN A 703 -15.12 -8.79 -2.94
CA GLN A 703 -16.49 -8.28 -3.10
C GLN A 703 -17.38 -9.05 -2.15
N GLY A 704 -16.92 -10.25 -1.78
CA GLY A 704 -17.69 -11.12 -0.92
C GLY A 704 -18.57 -11.91 -1.87
N ASN A 705 -19.18 -12.98 -1.37
CA ASN A 705 -20.04 -13.82 -2.20
C ASN A 705 -21.23 -14.24 -1.33
N PRO A 706 -22.42 -13.69 -1.59
CA PRO A 706 -22.75 -12.70 -2.61
C PRO A 706 -21.99 -11.38 -2.46
N ALA A 707 -21.88 -10.63 -3.54
CA ALA A 707 -21.18 -9.36 -3.50
C ALA A 707 -21.88 -8.47 -2.48
N GLY A 708 -21.10 -7.82 -1.63
CA GLY A 708 -21.69 -6.95 -0.63
C GLY A 708 -21.88 -7.60 0.73
N THR A 709 -21.43 -8.85 0.89
CA THR A 709 -21.54 -9.51 2.18
C THR A 709 -20.17 -9.71 2.78
N ASN A 710 -20.12 -10.25 3.99
CA ASN A 710 -18.85 -10.46 4.65
C ASN A 710 -18.22 -11.77 4.19
N GLY A 711 -17.07 -11.66 3.55
CA GLY A 711 -16.39 -12.85 3.08
C GLY A 711 -15.22 -12.48 2.19
N ARG A 712 -14.14 -13.22 2.32
CA ARG A 712 -12.95 -12.98 1.52
C ARG A 712 -13.07 -13.82 0.26
N GLN A 713 -13.94 -13.36 -0.64
CA GLN A 713 -14.22 -14.03 -1.90
C GLN A 713 -14.32 -13.03 -3.04
N ASN A 714 -14.15 -13.53 -4.26
CA ASN A 714 -14.27 -12.76 -5.48
C ASN A 714 -13.63 -11.38 -5.50
N LEU A 715 -12.33 -11.34 -5.71
CA LEU A 715 -11.61 -10.07 -5.76
C LEU A 715 -12.22 -9.18 -6.84
N GLY A 716 -12.43 -7.91 -6.49
CA GLY A 716 -12.99 -6.95 -7.44
C GLY A 716 -12.02 -5.82 -7.74
N LEU A 717 -12.28 -5.11 -8.85
CA LEU A 717 -11.45 -4.00 -9.27
C LEU A 717 -12.29 -2.75 -9.48
N TRP A 718 -11.99 -1.70 -8.73
CA TRP A 718 -12.70 -0.44 -8.83
C TRP A 718 -11.81 0.61 -9.51
N PHE A 719 -12.44 1.56 -10.21
CA PHE A 719 -11.71 2.62 -10.90
C PHE A 719 -12.20 3.98 -10.41
N SER A 720 -11.29 4.95 -10.31
CA SER A 720 -11.67 6.30 -9.92
C SER A 720 -11.12 7.28 -10.95
N PHE A 721 -12.02 7.98 -11.62
CA PHE A 721 -11.64 8.93 -12.65
C PHE A 721 -11.73 10.37 -12.17
N ASP A 722 -11.99 10.56 -10.88
CA ASP A 722 -12.11 11.90 -10.33
C ASP A 722 -11.31 12.15 -9.05
N GLU A 723 -10.09 11.61 -9.01
CA GLU A 723 -9.21 11.80 -7.85
C GLU A 723 -9.73 11.22 -6.54
N GLY A 724 -10.48 10.12 -6.64
CA GLY A 724 -10.99 9.48 -5.44
C GLY A 724 -12.30 9.99 -4.88
N VAL A 725 -13.00 10.84 -5.63
CA VAL A 725 -14.29 11.35 -5.18
C VAL A 725 -15.34 10.24 -5.30
N THR A 726 -15.34 9.58 -6.46
CA THR A 726 -16.26 8.47 -6.71
C THR A 726 -15.51 7.33 -7.37
N TRP A 727 -16.06 6.13 -7.26
CA TRP A 727 -15.45 4.95 -7.86
C TRP A 727 -16.43 4.19 -8.74
N LYS A 728 -15.93 3.66 -9.85
CA LYS A 728 -16.76 2.89 -10.76
C LYS A 728 -16.33 1.43 -10.67
N GLY A 729 -17.29 0.53 -10.79
CA GLY A 729 -17.00 -0.88 -10.70
C GLY A 729 -17.89 -1.56 -9.68
N PRO A 730 -17.48 -2.72 -9.17
CA PRO A 730 -16.22 -3.39 -9.53
C PRO A 730 -16.33 -4.38 -10.68
N ILE A 731 -15.18 -4.68 -11.27
CA ILE A 731 -15.09 -5.67 -12.32
C ILE A 731 -14.52 -6.86 -11.57
N GLN A 732 -15.21 -8.00 -11.60
CA GLN A 732 -14.74 -9.17 -10.88
C GLN A 732 -13.54 -9.80 -11.58
N LEU A 733 -12.44 -9.93 -10.85
CA LEU A 733 -11.22 -10.49 -11.40
C LEU A 733 -10.99 -11.93 -10.99
N VAL A 734 -11.58 -12.33 -9.86
CA VAL A 734 -11.40 -13.68 -9.34
C VAL A 734 -12.72 -14.31 -8.92
N ASN A 735 -12.87 -15.60 -9.19
CA ASN A 735 -14.07 -16.33 -8.83
C ASN A 735 -13.66 -17.41 -7.84
N GLY A 736 -13.79 -17.08 -6.56
CA GLY A 736 -13.43 -18.00 -5.51
C GLY A 736 -12.77 -17.21 -4.39
N ALA A 737 -11.97 -17.88 -3.56
CA ALA A 737 -11.31 -17.22 -2.45
C ALA A 737 -10.49 -16.01 -2.91
N SER A 738 -10.54 -14.94 -2.12
CA SER A 738 -9.79 -13.72 -2.41
C SER A 738 -9.65 -12.94 -1.10
N ALA A 739 -8.43 -12.83 -0.60
CA ALA A 739 -8.19 -12.10 0.64
C ALA A 739 -7.32 -10.88 0.37
N TYR A 740 -6.12 -10.84 0.97
CA TYR A 740 -5.20 -9.73 0.77
C TYR A 740 -4.72 -9.66 -0.68
N SER A 741 -4.53 -8.45 -1.20
CA SER A 741 -4.09 -8.25 -2.57
C SER A 741 -3.28 -6.97 -2.71
N ASP A 742 -2.59 -6.83 -3.84
CA ASP A 742 -1.82 -5.61 -4.11
C ASP A 742 -1.75 -5.46 -5.62
N ILE A 743 -2.04 -4.26 -6.10
CA ILE A 743 -2.01 -3.99 -7.53
C ILE A 743 -0.98 -2.91 -7.85
N TYR A 744 -0.31 -3.03 -8.98
CA TYR A 744 0.69 -2.05 -9.39
C TYR A 744 0.72 -1.98 -10.91
N GLN A 745 0.94 -0.81 -11.47
CA GLN A 745 0.98 -0.68 -12.93
C GLN A 745 2.23 -1.33 -13.50
N LEU A 746 2.04 -2.18 -14.50
CA LEU A 746 3.14 -2.91 -15.15
C LEU A 746 3.71 -2.13 -16.34
N ASP A 747 2.81 -1.60 -17.17
CA ASP A 747 3.19 -0.81 -18.34
C ASP A 747 2.01 0.06 -18.73
N SER A 748 2.15 0.79 -19.84
CA SER A 748 1.10 1.70 -20.28
C SER A 748 -0.27 1.06 -20.51
N GLU A 749 -0.32 -0.26 -20.63
CA GLU A 749 -1.60 -0.93 -20.87
C GLU A 749 -2.01 -1.98 -19.84
N ASN A 750 -1.08 -2.39 -18.98
CA ASN A 750 -1.42 -3.41 -18.00
C ASN A 750 -1.04 -3.14 -16.56
N ALA A 751 -1.75 -3.80 -15.66
CA ALA A 751 -1.48 -3.70 -14.23
C ALA A 751 -1.29 -5.13 -13.75
N ILE A 752 -0.44 -5.34 -12.77
CA ILE A 752 -0.21 -6.68 -12.26
C ILE A 752 -0.79 -6.75 -10.85
N VAL A 753 -1.48 -7.85 -10.57
CA VAL A 753 -2.09 -8.06 -9.26
C VAL A 753 -1.59 -9.32 -8.62
N ILE A 754 -1.31 -9.25 -7.32
CA ILE A 754 -0.90 -10.43 -6.56
C ILE A 754 -2.01 -10.54 -5.51
N VAL A 755 -2.60 -11.72 -5.40
CA VAL A 755 -3.69 -11.91 -4.47
C VAL A 755 -3.71 -13.27 -3.78
N GLU A 756 -4.08 -13.27 -2.50
CA GLU A 756 -4.18 -14.50 -1.72
C GLU A 756 -5.48 -15.19 -2.14
N THR A 757 -5.43 -16.47 -2.46
CA THR A 757 -6.63 -17.19 -2.87
C THR A 757 -6.85 -18.47 -2.08
N ASP A 758 -7.03 -19.61 -2.74
CA ASP A 758 -7.26 -20.86 -2.02
C ASP A 758 -6.13 -21.19 -1.05
N ASN A 759 -6.49 -21.39 0.22
CA ASN A 759 -5.53 -21.69 1.28
C ASN A 759 -4.42 -20.64 1.31
N SER A 760 -4.79 -19.43 0.93
CA SER A 760 -3.89 -18.27 0.90
C SER A 760 -2.85 -18.29 -0.20
N ASN A 761 -2.89 -19.29 -1.08
CA ASN A 761 -1.93 -19.34 -2.19
C ASN A 761 -2.01 -18.01 -2.91
N MET A 762 -0.87 -17.36 -3.09
CA MET A 762 -0.84 -16.07 -3.75
C MET A 762 -0.64 -16.23 -5.25
N ARG A 763 -1.57 -15.67 -6.01
CA ARG A 763 -1.54 -15.79 -7.46
C ARG A 763 -1.31 -14.47 -8.18
N ILE A 764 -0.82 -14.57 -9.42
CA ILE A 764 -0.54 -13.40 -10.23
C ILE A 764 -1.54 -13.20 -11.34
N LEU A 765 -2.08 -11.97 -11.44
CA LEU A 765 -3.02 -11.64 -12.49
C LEU A 765 -2.42 -10.47 -13.27
N ARG A 766 -2.45 -10.54 -14.60
CA ARG A 766 -1.91 -9.46 -15.42
C ARG A 766 -3.09 -8.95 -16.25
N MET A 767 -3.69 -7.87 -15.76
CA MET A 767 -4.89 -7.28 -16.35
C MET A 767 -4.72 -6.14 -17.35
N PRO A 768 -5.42 -6.24 -18.49
CA PRO A 768 -5.37 -5.22 -19.55
C PRO A 768 -6.31 -4.10 -19.14
N ILE A 769 -5.80 -3.17 -18.33
CA ILE A 769 -6.57 -2.04 -17.81
C ILE A 769 -7.20 -1.14 -18.87
N THR A 770 -6.42 -0.77 -19.89
CA THR A 770 -6.95 0.11 -20.93
C THR A 770 -8.09 -0.54 -21.70
N LEU A 771 -8.20 -1.86 -21.63
CA LEU A 771 -9.29 -2.57 -22.30
C LEU A 771 -10.47 -2.68 -21.35
N LEU A 772 -10.22 -3.20 -20.15
CA LEU A 772 -11.26 -3.39 -19.13
C LEU A 772 -12.02 -2.12 -18.75
N LYS A 773 -11.34 -0.98 -18.76
CA LYS A 773 -12.01 0.27 -18.41
C LYS A 773 -13.17 0.56 -19.35
N GLN A 774 -13.12 -0.04 -20.55
CA GLN A 774 -14.19 0.17 -21.54
C GLN A 774 -15.46 -0.62 -21.22
N LYS A 775 -15.36 -1.51 -20.25
CA LYS A 775 -16.50 -2.34 -19.84
C LYS A 775 -17.35 -1.60 -18.81
N LEU A 776 -16.81 -0.51 -18.27
CA LEU A 776 -17.52 0.28 -17.28
C LEU A 776 -18.55 1.16 -17.97
N THR A 777 -18.06 2.08 -18.81
CA THR A 777 -18.91 2.99 -19.56
C THR A 777 -18.19 3.45 -20.83
C1 DAN B . -5.89 -10.84 8.79
C2 DAN B . -4.78 -10.39 9.52
C3 DAN B . -3.52 -10.63 8.96
C4 DAN B . -2.26 -9.94 9.51
C5 DAN B . -2.54 -9.34 10.88
C6 DAN B . -3.90 -8.63 10.89
C7 DAN B . -4.18 -7.97 12.24
C8 DAN B . -5.47 -7.14 12.15
C9 DAN B . -5.84 -6.58 13.52
C10 DAN B . -0.46 -8.67 11.99
C11 DAN B . 0.83 -7.91 11.74
N5 DAN B . -1.50 -8.37 11.22
O1A DAN B . -5.78 -11.62 7.82
O1B DAN B . -7.02 -10.40 9.16
O4 DAN B . -1.13 -10.79 9.60
O6 DAN B . -4.94 -9.58 10.61
O7 DAN B . -4.32 -8.98 13.23
O8 DAN B . -5.27 -6.09 11.22
O9 DAN B . -4.88 -5.60 13.91
O10 DAN B . -0.51 -9.52 12.88
CA CA C . 6.98 -16.63 15.88
CA CA D . -2.63 -3.07 1.41
CA CA E . -5.70 -3.29 21.53
CA CA F . 15.41 -19.97 10.21
C1 SIA G . -12.91 -28.93 -40.30
C2 SIA G . -13.70 -29.37 -39.08
C3 SIA G . -12.84 -29.20 -37.81
C4 SIA G . -12.59 -27.72 -37.49
C5 SIA G . -13.91 -26.95 -37.48
C6 SIA G . -14.60 -27.16 -38.81
C7 SIA G . -15.89 -26.34 -38.91
C8 SIA G . -16.55 -26.56 -40.28
C9 SIA G . -17.79 -25.67 -40.42
C10 SIA G . -13.93 -24.97 -36.01
C11 SIA G . -13.33 -23.60 -35.81
N5 SIA G . -13.78 -25.53 -37.21
O1A SIA G . -11.68 -29.15 -40.33
O1B SIA G . -13.52 -28.38 -41.25
O2 SIA G . -14.09 -30.69 -39.21
O4 SIA G . -11.95 -27.61 -36.23
O6 SIA G . -14.90 -28.56 -38.99
O7 SIA G . -16.79 -26.75 -37.88
O8 SIA G . -15.62 -26.23 -41.31
O9 SIA G . -17.41 -24.35 -40.78
O10 SIA G . -14.52 -25.54 -35.08
#